data_4AW4
#
_entry.id   4AW4
#
_cell.length_a   179.080
_cell.length_b   102.150
_cell.length_c   69.810
_cell.angle_alpha   90.00
_cell.angle_beta   90.23
_cell.angle_gamma   90.00
#
_symmetry.space_group_name_H-M   'C 1 2 1'
#
loop_
_entity.id
_entity.type
_entity.pdbx_description
1 polymer 'INTERNALIN B'
2 non-polymer 'SULFATE ION'
3 non-polymer GLYCEROL
4 water water
#
_entity_poly.entity_id   1
_entity_poly.type   'polypeptide(L)'
_entity_poly.pdbx_seq_one_letter_code
;GAMETITVPTPIKQIFSDDAFAETIKDNLKKKSVTDAVTQNELNSIDQIIANNSDIKSVQGIQYLPNLTSLNLSNNQITD
ISPIQYLPNVTKLFLNGNKLTDIKPLANLKNLGWLFLDENKVKDLSSLKDLKKLKSLSLEHNGISDINGLVHLPQLESLY
LGNNKITDITVLSRLTKLDTLSLEDNQISDIVPLAGLTKLQNLYLSKNHISDLRALAGLKNLDVLELFSQECLNKPINHQ
SNLVVPNTVKNTDGSLVTPEIISDDGDYEKPNVKWHLPEFTNEVSFIFYQPVTIGKAKARFHGRVTQPLKE
;
_entity_poly.pdbx_strand_id   A,B,C
#
loop_
_chem_comp.id
_chem_comp.type
_chem_comp.name
_chem_comp.formula
GOL non-polymer GLYCEROL 'C3 H8 O3'
SO4 non-polymer 'SULFATE ION' 'O4 S -2'
#
# COMPACT_ATOMS: atom_id res chain seq x y z
N GLU A 4 -8.20 4.07 2.68
CA GLU A 4 -9.01 4.08 3.94
C GLU A 4 -9.18 2.68 4.53
N THR A 5 -9.02 2.56 5.86
CA THR A 5 -9.33 1.31 6.57
C THR A 5 -10.19 1.59 7.82
N ILE A 6 -11.00 0.64 8.23
CA ILE A 6 -11.67 0.79 9.51
C ILE A 6 -10.79 0.02 10.52
N THR A 7 -10.64 0.52 11.72
CA THR A 7 -9.67 -0.09 12.66
C THR A 7 -10.32 -0.82 13.86
N VAL A 8 -11.63 -0.67 14.03
CA VAL A 8 -12.41 -1.33 15.07
C VAL A 8 -13.64 -1.93 14.38
N PRO A 9 -14.21 -3.01 14.93
CA PRO A 9 -15.43 -3.60 14.33
C PRO A 9 -16.53 -2.56 14.34
N THR A 10 -17.20 -2.37 13.21
CA THR A 10 -18.14 -1.23 13.04
C THR A 10 -19.43 -1.77 12.37
N PRO A 11 -20.61 -1.34 12.80
CA PRO A 11 -21.82 -1.77 12.14
C PRO A 11 -21.83 -1.36 10.66
N ILE A 12 -22.31 -2.26 9.85
CA ILE A 12 -22.35 -2.05 8.40
C ILE A 12 -22.99 -0.67 8.09
N LYS A 13 -24.10 -0.34 8.74
CA LYS A 13 -24.83 0.89 8.40
C LYS A 13 -24.12 2.20 8.73
N GLN A 14 -23.14 2.15 9.64
CA GLN A 14 -22.37 3.32 10.05
C GLN A 14 -21.32 3.64 8.96
N ILE A 15 -20.91 2.62 8.22
CA ILE A 15 -19.87 2.77 7.16
C ILE A 15 -20.57 2.99 5.83
N PHE A 16 -21.59 2.19 5.59
CA PHE A 16 -22.31 2.30 4.24
C PHE A 16 -23.62 3.00 4.49
N SER A 17 -23.64 4.30 4.30
CA SER A 17 -24.71 5.11 4.83
C SER A 17 -26.04 5.01 4.07
N ASP A 18 -25.99 4.58 2.83
CA ASP A 18 -27.23 4.30 2.11
C ASP A 18 -27.73 2.95 2.58
N ASP A 19 -28.95 2.93 3.11
CA ASP A 19 -29.61 1.67 3.54
C ASP A 19 -29.49 0.54 2.54
N ALA A 20 -29.80 0.84 1.29
CA ALA A 20 -29.81 -0.18 0.26
C ALA A 20 -28.42 -0.74 0.03
N PHE A 21 -27.41 0.10 0.04
CA PHE A 21 -26.04 -0.41 -0.21
C PHE A 21 -25.60 -1.21 1.01
N ALA A 22 -25.95 -0.72 2.18
CA ALA A 22 -25.71 -1.46 3.45
C ALA A 22 -26.31 -2.88 3.38
N GLU A 23 -27.51 -3.02 2.82
CA GLU A 23 -28.14 -4.31 2.66
CA GLU A 23 -28.14 -4.31 2.66
C GLU A 23 -27.30 -5.14 1.67
N THR A 24 -26.79 -4.50 0.60
CA THR A 24 -25.92 -5.17 -0.37
C THR A 24 -24.68 -5.77 0.33
N ILE A 25 -24.04 -4.97 1.17
CA ILE A 25 -22.81 -5.43 1.85
C ILE A 25 -23.15 -6.55 2.85
N LYS A 26 -24.21 -6.35 3.62
CA LYS A 26 -24.70 -7.40 4.53
C LYS A 26 -24.89 -8.74 3.78
N ASP A 27 -25.59 -8.67 2.63
CA ASP A 27 -25.89 -9.87 1.87
C ASP A 27 -24.58 -10.47 1.38
N ASN A 28 -23.70 -9.61 0.88
CA ASN A 28 -22.44 -10.10 0.27
C ASN A 28 -21.62 -10.86 1.34
N LEU A 29 -21.60 -10.35 2.56
CA LEU A 29 -20.85 -10.98 3.67
C LEU A 29 -21.66 -11.98 4.41
N LYS A 30 -22.88 -12.24 3.94
CA LYS A 30 -23.79 -13.17 4.55
C LYS A 30 -24.04 -12.85 6.02
N LYS A 31 -24.23 -11.58 6.34
CA LYS A 31 -24.56 -11.18 7.71
C LYS A 31 -26.07 -11.22 7.89
N LYS A 32 -26.56 -10.99 9.11
CA LYS A 32 -28.01 -11.11 9.38
CA LYS A 32 -28.01 -11.09 9.36
C LYS A 32 -28.73 -9.76 9.33
N SER A 33 -27.98 -8.67 9.53
CA SER A 33 -28.56 -7.32 9.69
C SER A 33 -27.55 -6.30 9.22
N VAL A 34 -28.03 -5.13 8.80
CA VAL A 34 -27.15 -4.01 8.47
C VAL A 34 -26.58 -3.42 9.75
N THR A 35 -27.09 -3.82 10.90
CA THR A 35 -26.46 -3.40 12.18
C THR A 35 -25.31 -4.32 12.62
N ASP A 36 -25.11 -5.47 11.98
CA ASP A 36 -23.99 -6.32 12.31
C ASP A 36 -22.63 -5.62 12.06
N ALA A 37 -21.71 -5.88 12.98
CA ALA A 37 -20.38 -5.31 12.91
C ALA A 37 -19.54 -6.01 11.87
N VAL A 38 -18.73 -5.25 11.14
CA VAL A 38 -17.72 -5.83 10.25
C VAL A 38 -16.34 -5.26 10.62
N THR A 39 -15.30 -6.04 10.31
CA THR A 39 -13.90 -5.60 10.46
C THR A 39 -13.28 -5.34 9.11
N GLN A 40 -12.14 -4.63 9.06
CA GLN A 40 -11.48 -4.42 7.77
C GLN A 40 -11.13 -5.74 7.11
N ASN A 41 -10.75 -6.75 7.89
CA ASN A 41 -10.43 -8.06 7.35
C ASN A 41 -11.62 -8.67 6.60
N GLU A 42 -12.84 -8.53 7.14
CA GLU A 42 -14.03 -9.01 6.46
C GLU A 42 -14.25 -8.22 5.13
N LEU A 43 -14.12 -6.90 5.17
CA LEU A 43 -14.26 -6.06 3.95
C LEU A 43 -13.21 -6.35 2.90
N ASN A 44 -12.01 -6.75 3.35
CA ASN A 44 -10.91 -7.13 2.42
C ASN A 44 -11.21 -8.40 1.64
N SER A 45 -12.12 -9.18 2.16
CA SER A 45 -12.56 -10.39 1.50
C SER A 45 -13.50 -10.10 0.29
N ILE A 46 -14.04 -8.89 0.19
CA ILE A 46 -14.93 -8.57 -0.95
C ILE A 46 -14.17 -8.31 -2.26
N ASP A 47 -14.23 -9.25 -3.20
CA ASP A 47 -13.62 -9.10 -4.52
C ASP A 47 -14.64 -8.67 -5.60
N GLN A 48 -15.91 -9.02 -5.41
CA GLN A 48 -16.96 -8.75 -6.42
C GLN A 48 -18.24 -8.37 -5.72
N ILE A 49 -18.85 -7.29 -6.19
CA ILE A 49 -20.17 -6.90 -5.77
C ILE A 49 -21.13 -7.02 -6.97
N ILE A 50 -22.25 -7.70 -6.74
CA ILE A 50 -23.34 -7.78 -7.66
C ILE A 50 -24.56 -7.11 -7.00
N ALA A 51 -24.89 -5.93 -7.44
CA ALA A 51 -25.87 -5.07 -6.78
C ALA A 51 -26.79 -4.35 -7.80
N ASN A 52 -27.03 -5.01 -8.89
CA ASN A 52 -28.11 -4.57 -9.81
C ASN A 52 -29.46 -4.48 -9.15
N ASN A 53 -30.30 -3.55 -9.60
CA ASN A 53 -31.73 -3.61 -9.28
C ASN A 53 -32.00 -3.56 -7.77
N SER A 54 -31.34 -2.63 -7.07
CA SER A 54 -31.36 -2.63 -5.62
C SER A 54 -31.75 -1.31 -4.98
N ASP A 55 -32.29 -0.36 -5.75
CA ASP A 55 -32.60 0.97 -5.27
C ASP A 55 -31.46 1.69 -4.48
N ILE A 56 -30.22 1.49 -4.90
CA ILE A 56 -29.04 2.09 -4.28
C ILE A 56 -28.99 3.52 -4.71
N LYS A 57 -28.81 4.40 -3.72
CA LYS A 57 -28.78 5.83 -3.96
CA LYS A 57 -28.75 5.83 -3.97
C LYS A 57 -27.34 6.40 -3.78
N SER A 58 -26.48 5.72 -3.00
CA SER A 58 -25.12 6.16 -2.76
C SER A 58 -24.24 4.95 -2.46
N VAL A 59 -22.99 4.96 -2.91
CA VAL A 59 -22.03 3.90 -2.56
C VAL A 59 -20.96 4.37 -1.56
N GLN A 60 -21.30 5.43 -0.84
CA GLN A 60 -20.46 5.85 0.29
C GLN A 60 -20.17 4.64 1.16
N GLY A 61 -18.89 4.49 1.50
CA GLY A 61 -18.41 3.35 2.22
C GLY A 61 -17.62 2.40 1.37
N ILE A 62 -17.86 2.39 0.08
CA ILE A 62 -17.18 1.45 -0.83
C ILE A 62 -15.66 1.68 -0.86
N GLN A 63 -15.22 2.86 -0.48
CA GLN A 63 -13.81 3.12 -0.45
C GLN A 63 -13.03 2.17 0.52
N TYR A 64 -13.75 1.43 1.38
CA TYR A 64 -13.13 0.49 2.33
C TYR A 64 -13.02 -0.92 1.76
N LEU A 65 -13.28 -1.06 0.47
CA LEU A 65 -13.16 -2.35 -0.23
C LEU A 65 -11.96 -2.36 -1.17
N PRO A 66 -10.71 -2.43 -0.65
CA PRO A 66 -9.54 -2.36 -1.51
C PRO A 66 -9.36 -3.47 -2.55
N ASN A 67 -9.96 -4.63 -2.31
CA ASN A 67 -9.77 -5.77 -3.18
C ASN A 67 -10.87 -5.97 -4.19
N LEU A 68 -11.79 -5.01 -4.23
CA LEU A 68 -12.90 -5.07 -5.14
C LEU A 68 -12.37 -4.97 -6.54
N THR A 69 -12.68 -5.96 -7.38
CA THR A 69 -12.25 -5.88 -8.78
C THR A 69 -13.42 -5.71 -9.76
N SER A 70 -14.60 -6.23 -9.41
CA SER A 70 -15.78 -6.19 -10.28
C SER A 70 -16.95 -5.62 -9.51
N LEU A 71 -17.58 -4.60 -10.09
CA LEU A 71 -18.59 -3.84 -9.40
C LEU A 71 -19.78 -3.59 -10.34
N ASN A 72 -20.89 -4.23 -10.04
CA ASN A 72 -22.11 -4.15 -10.82
C ASN A 72 -23.16 -3.42 -10.03
N LEU A 73 -23.38 -2.19 -10.42
CA LEU A 73 -24.37 -1.30 -9.81
C LEU A 73 -25.46 -0.89 -10.84
N SER A 74 -25.70 -1.76 -11.80
CA SER A 74 -26.70 -1.51 -12.85
C SER A 74 -28.08 -1.26 -12.28
N ASN A 75 -28.77 -0.28 -12.84
CA ASN A 75 -30.20 -0.05 -12.58
C ASN A 75 -30.42 0.18 -11.09
N ASN A 76 -29.83 1.29 -10.64
CA ASN A 76 -30.02 1.85 -9.35
C ASN A 76 -30.29 3.31 -9.55
N GLN A 77 -30.02 4.16 -8.55
CA GLN A 77 -30.35 5.58 -8.62
CA GLN A 77 -30.38 5.56 -8.64
C GLN A 77 -29.18 6.38 -8.17
N ILE A 78 -28.00 5.93 -8.51
CA ILE A 78 -26.77 6.58 -8.03
C ILE A 78 -26.46 7.90 -8.77
N THR A 79 -26.11 8.96 -7.99
CA THR A 79 -25.85 10.31 -8.53
C THR A 79 -24.38 10.71 -8.46
N ASP A 80 -23.61 9.98 -7.67
CA ASP A 80 -22.24 10.35 -7.40
C ASP A 80 -21.41 9.10 -7.23
N ILE A 81 -20.36 8.97 -8.00
CA ILE A 81 -19.47 7.81 -7.89
C ILE A 81 -18.07 8.17 -7.36
N SER A 82 -17.96 9.29 -6.66
CA SER A 82 -16.66 9.71 -6.12
C SER A 82 -16.06 8.71 -5.17
N PRO A 83 -16.89 8.02 -4.36
CA PRO A 83 -16.22 7.05 -3.48
C PRO A 83 -15.46 5.91 -4.17
N ILE A 84 -15.72 5.68 -5.45
CA ILE A 84 -15.02 4.64 -6.23
C ILE A 84 -13.59 5.03 -6.65
N GLN A 85 -13.28 6.32 -6.55
CA GLN A 85 -12.09 6.82 -7.19
C GLN A 85 -10.80 6.29 -6.56
N TYR A 86 -10.83 5.90 -5.32
N TYR A 86 -10.89 5.90 -5.29
CA TYR A 86 -9.58 5.42 -4.80
CA TYR A 86 -9.81 5.36 -4.47
C TYR A 86 -9.48 3.89 -4.76
C TYR A 86 -9.51 3.89 -4.72
N LEU A 87 -10.35 3.21 -5.52
CA LEU A 87 -10.31 1.76 -5.62
C LEU A 87 -9.52 1.31 -6.83
N PRO A 88 -8.26 0.97 -6.61
CA PRO A 88 -7.36 0.89 -7.74
C PRO A 88 -7.46 -0.43 -8.48
N ASN A 89 -8.01 -1.46 -7.84
CA ASN A 89 -8.08 -2.78 -8.43
C ASN A 89 -9.35 -3.06 -9.26
N VAL A 90 -10.23 -2.06 -9.34
CA VAL A 90 -11.45 -2.22 -10.11
C VAL A 90 -11.10 -2.35 -11.60
N THR A 91 -11.52 -3.46 -12.21
CA THR A 91 -11.31 -3.65 -13.64
C THR A 91 -12.62 -3.72 -14.45
N LYS A 92 -13.74 -3.96 -13.78
CA LYS A 92 -15.05 -4.09 -14.44
C LYS A 92 -16.06 -3.30 -13.63
N LEU A 93 -16.70 -2.37 -14.30
CA LEU A 93 -17.61 -1.41 -13.71
C LEU A 93 -18.90 -1.29 -14.53
N PHE A 94 -19.99 -1.75 -13.94
CA PHE A 94 -21.31 -1.76 -14.63
C PHE A 94 -22.15 -0.71 -13.91
N LEU A 95 -22.34 0.40 -14.59
CA LEU A 95 -23.06 1.57 -14.07
C LEU A 95 -24.27 1.99 -14.92
N ASN A 96 -24.74 1.06 -15.73
CA ASN A 96 -25.93 1.29 -16.65
C ASN A 96 -27.11 1.64 -15.78
N GLY A 97 -27.92 2.62 -16.20
CA GLY A 97 -29.19 2.89 -15.57
C GLY A 97 -29.07 3.50 -14.16
N ASN A 98 -28.30 4.60 -14.07
CA ASN A 98 -28.21 5.31 -12.83
C ASN A 98 -28.51 6.76 -13.13
N LYS A 99 -28.12 7.67 -12.25
CA LYS A 99 -28.37 9.10 -12.47
C LYS A 99 -27.07 9.87 -12.50
N LEU A 100 -26.05 9.34 -13.14
CA LEU A 100 -24.73 9.98 -13.12
C LEU A 100 -24.63 11.11 -14.12
N THR A 101 -23.92 12.18 -13.74
CA THR A 101 -23.56 13.27 -14.64
C THR A 101 -22.02 13.38 -14.72
N ASP A 102 -21.34 13.35 -13.59
CA ASP A 102 -19.91 13.63 -13.51
C ASP A 102 -19.16 12.29 -13.44
N ILE A 103 -18.26 12.02 -14.39
CA ILE A 103 -17.42 10.84 -14.25
C ILE A 103 -15.94 11.14 -13.99
N LYS A 104 -15.66 12.34 -13.48
CA LYS A 104 -14.29 12.73 -13.16
C LYS A 104 -13.64 11.74 -12.17
N PRO A 105 -14.40 11.25 -11.16
CA PRO A 105 -13.77 10.24 -10.28
C PRO A 105 -13.27 8.92 -10.92
N LEU A 106 -13.69 8.60 -12.15
CA LEU A 106 -13.20 7.38 -12.82
C LEU A 106 -11.79 7.62 -13.44
N ALA A 107 -11.36 8.87 -13.51
CA ALA A 107 -10.05 9.19 -14.09
C ALA A 107 -8.93 8.44 -13.39
N ASN A 108 -9.14 8.14 -12.13
CA ASN A 108 -8.12 7.51 -11.30
C ASN A 108 -8.03 5.98 -11.43
N LEU A 109 -9.01 5.36 -12.07
CA LEU A 109 -9.11 3.91 -12.08
C LEU A 109 -8.25 3.35 -13.20
N LYS A 110 -6.94 3.41 -12.97
CA LYS A 110 -5.95 3.11 -13.99
CA LYS A 110 -5.94 3.08 -14.01
C LYS A 110 -6.06 1.68 -14.56
N ASN A 111 -6.65 0.76 -13.79
CA ASN A 111 -6.76 -0.63 -14.26
C ASN A 111 -8.12 -0.94 -14.85
N LEU A 112 -8.95 0.07 -15.01
CA LEU A 112 -10.29 -0.17 -15.54
C LEU A 112 -10.17 -0.75 -16.92
N GLY A 113 -10.88 -1.86 -17.14
CA GLY A 113 -10.90 -2.56 -18.41
C GLY A 113 -12.26 -2.48 -19.15
N TRP A 114 -13.36 -2.63 -18.41
CA TRP A 114 -14.73 -2.59 -18.97
CA TRP A 114 -14.72 -2.59 -18.96
C TRP A 114 -15.53 -1.58 -18.20
N LEU A 115 -16.17 -0.66 -18.92
CA LEU A 115 -16.95 0.39 -18.31
C LEU A 115 -18.26 0.57 -19.04
N PHE A 116 -19.36 0.35 -18.35
CA PHE A 116 -20.66 0.40 -18.94
C PHE A 116 -21.48 1.48 -18.24
N LEU A 117 -21.89 2.46 -19.05
CA LEU A 117 -22.52 3.71 -18.54
C LEU A 117 -23.75 4.16 -19.31
N ASP A 118 -24.45 3.23 -19.91
CA ASP A 118 -25.65 3.57 -20.69
C ASP A 118 -26.72 4.11 -19.75
N GLU A 119 -27.60 4.90 -20.28
CA GLU A 119 -28.74 5.44 -19.58
C GLU A 119 -28.29 6.15 -18.30
N ASN A 120 -27.40 7.15 -18.48
CA ASN A 120 -27.05 8.13 -17.50
C ASN A 120 -27.15 9.48 -18.23
N LYS A 121 -26.52 10.52 -17.68
CA LYS A 121 -26.50 11.84 -18.33
C LYS A 121 -25.06 12.36 -18.33
N VAL A 122 -24.13 11.48 -18.65
CA VAL A 122 -22.74 11.86 -18.75
C VAL A 122 -22.53 12.54 -20.11
N LYS A 123 -22.14 13.81 -20.12
CA LYS A 123 -21.97 14.52 -21.40
C LYS A 123 -20.55 14.94 -21.73
N ASP A 124 -19.63 14.72 -20.79
CA ASP A 124 -18.22 15.08 -20.96
C ASP A 124 -17.38 13.86 -20.67
N LEU A 125 -16.52 13.50 -21.61
CA LEU A 125 -15.75 12.26 -21.54
C LEU A 125 -14.25 12.49 -21.39
N SER A 126 -13.85 13.73 -21.27
CA SER A 126 -12.39 14.01 -21.15
C SER A 126 -11.80 13.31 -19.93
N SER A 127 -12.62 13.05 -18.91
CA SER A 127 -12.21 12.28 -17.73
C SER A 127 -11.75 10.84 -18.01
N LEU A 128 -12.05 10.31 -19.20
CA LEU A 128 -11.60 8.95 -19.53
C LEU A 128 -10.22 8.88 -20.20
N LYS A 129 -9.57 10.02 -20.41
CA LYS A 129 -8.32 10.03 -21.17
C LYS A 129 -7.16 9.28 -20.46
N ASP A 130 -7.18 9.22 -19.13
CA ASP A 130 -6.08 8.53 -18.42
C ASP A 130 -6.01 7.01 -18.67
N LEU A 131 -7.10 6.42 -19.18
CA LEU A 131 -7.35 5.00 -18.92
C LEU A 131 -6.77 4.09 -19.99
N LYS A 132 -5.53 3.69 -19.78
CA LYS A 132 -4.77 3.01 -20.82
C LYS A 132 -5.04 1.51 -20.91
N LYS A 133 -5.78 0.93 -19.97
CA LYS A 133 -6.19 -0.48 -20.09
C LYS A 133 -7.68 -0.65 -20.46
N LEU A 134 -8.36 0.46 -20.75
CA LEU A 134 -9.77 0.43 -21.06
C LEU A 134 -9.93 -0.19 -22.44
N LYS A 135 -10.65 -1.30 -22.46
CA LYS A 135 -10.84 -2.04 -23.72
C LYS A 135 -12.29 -1.96 -24.23
N SER A 136 -13.25 -1.78 -23.32
CA SER A 136 -14.66 -1.78 -23.69
C SER A 136 -15.38 -0.67 -22.94
N LEU A 137 -16.04 0.19 -23.70
CA LEU A 137 -16.77 1.35 -23.17
C LEU A 137 -18.14 1.39 -23.78
N SER A 138 -19.15 1.57 -22.95
CA SER A 138 -20.53 1.78 -23.47
C SER A 138 -21.12 3.00 -22.82
N LEU A 139 -21.61 3.90 -23.65
CA LEU A 139 -22.13 5.20 -23.24
C LEU A 139 -23.37 5.58 -24.07
N GLU A 140 -24.20 4.60 -24.35
CA GLU A 140 -25.46 4.87 -25.04
C GLU A 140 -26.46 5.65 -24.16
N HIS A 141 -27.33 6.42 -24.79
CA HIS A 141 -28.46 7.07 -24.14
C HIS A 141 -27.97 7.98 -22.99
N ASN A 142 -26.97 8.84 -23.27
CA ASN A 142 -26.46 9.82 -22.34
C ASN A 142 -26.69 11.27 -22.74
N GLY A 143 -27.33 11.51 -23.89
CA GLY A 143 -27.47 12.83 -24.42
C GLY A 143 -26.15 13.46 -24.89
N ILE A 144 -25.16 12.65 -25.25
CA ILE A 144 -23.80 13.14 -25.55
C ILE A 144 -23.75 13.77 -26.93
N SER A 145 -23.08 14.94 -27.05
CA SER A 145 -22.70 15.48 -28.34
C SER A 145 -21.20 15.52 -28.57
N ASP A 146 -20.42 15.87 -27.57
CA ASP A 146 -19.00 16.06 -27.73
C ASP A 146 -18.28 14.80 -27.29
N ILE A 147 -17.69 14.06 -28.23
CA ILE A 147 -16.87 12.89 -27.90
C ILE A 147 -15.35 13.15 -28.04
N ASN A 148 -14.95 14.42 -28.05
CA ASN A 148 -13.56 14.78 -28.30
C ASN A 148 -12.60 14.28 -27.20
N GLY A 149 -13.13 13.98 -26.02
CA GLY A 149 -12.28 13.43 -24.93
C GLY A 149 -11.83 11.97 -25.15
N LEU A 150 -12.48 11.26 -26.08
CA LEU A 150 -12.07 9.89 -26.37
C LEU A 150 -10.76 9.83 -27.18
N VAL A 151 -10.14 10.99 -27.35
CA VAL A 151 -8.81 11.09 -27.99
C VAL A 151 -7.75 10.15 -27.38
N HIS A 152 -7.71 10.01 -26.06
CA HIS A 152 -6.57 9.36 -25.42
C HIS A 152 -6.87 8.01 -24.85
N LEU A 153 -7.83 7.35 -25.49
CA LEU A 153 -8.05 5.93 -25.31
C LEU A 153 -7.82 5.32 -26.66
N PRO A 154 -6.61 5.54 -27.23
CA PRO A 154 -6.39 4.95 -28.52
C PRO A 154 -6.37 3.39 -28.52
N GLN A 155 -6.31 2.74 -27.34
N GLN A 155 -6.32 2.75 -27.33
CA GLN A 155 -6.31 1.26 -27.21
CA GLN A 155 -6.32 1.27 -27.18
C GLN A 155 -7.70 0.59 -26.93
C GLN A 155 -7.70 0.59 -26.92
N LEU A 156 -8.78 1.35 -27.03
CA LEU A 156 -10.13 0.79 -26.94
C LEU A 156 -10.36 -0.25 -28.05
N GLU A 157 -11.03 -1.36 -27.74
CA GLU A 157 -11.42 -2.35 -28.76
C GLU A 157 -12.93 -2.36 -29.08
N SER A 158 -13.76 -1.93 -28.12
CA SER A 158 -15.20 -1.94 -28.29
C SER A 158 -15.76 -0.63 -27.74
N LEU A 159 -16.58 0.05 -28.53
CA LEU A 159 -17.14 1.37 -28.16
C LEU A 159 -18.59 1.48 -28.63
N TYR A 160 -19.53 1.60 -27.69
CA TYR A 160 -20.98 1.75 -28.02
C TYR A 160 -21.36 3.16 -27.65
N LEU A 161 -21.76 3.92 -28.67
CA LEU A 161 -22.21 5.31 -28.51
C LEU A 161 -23.58 5.58 -29.11
N GLY A 162 -24.35 4.52 -29.31
CA GLY A 162 -25.66 4.66 -29.90
C GLY A 162 -26.64 5.47 -29.08
N ASN A 163 -27.62 6.05 -29.74
CA ASN A 163 -28.71 6.76 -29.06
C ASN A 163 -28.15 7.96 -28.28
N ASN A 164 -27.41 8.80 -28.99
CA ASN A 164 -26.95 10.05 -28.46
C ASN A 164 -27.30 11.21 -29.40
N LYS A 165 -26.59 12.35 -29.28
CA LYS A 165 -26.80 13.51 -30.13
C LYS A 165 -25.51 13.84 -30.85
N ILE A 166 -24.77 12.85 -31.34
CA ILE A 166 -23.48 13.07 -31.91
C ILE A 166 -23.56 13.45 -33.39
N THR A 167 -22.82 14.49 -33.80
CA THR A 167 -22.66 14.87 -35.20
C THR A 167 -21.21 14.70 -35.68
N ASP A 168 -20.25 14.98 -34.80
CA ASP A 168 -18.86 15.06 -35.22
C ASP A 168 -18.07 13.89 -34.65
N ILE A 169 -17.58 13.01 -35.52
CA ILE A 169 -16.79 11.82 -35.05
C ILE A 169 -15.34 11.89 -35.45
N THR A 170 -14.85 13.13 -35.65
CA THR A 170 -13.46 13.39 -35.96
C THR A 170 -12.47 12.55 -35.13
N VAL A 171 -12.67 12.50 -33.81
CA VAL A 171 -11.71 11.84 -32.92
C VAL A 171 -11.54 10.33 -33.18
N LEU A 172 -12.57 9.73 -33.79
CA LEU A 172 -12.55 8.28 -33.95
C LEU A 172 -11.45 7.81 -34.88
N SER A 173 -10.92 8.69 -35.72
CA SER A 173 -9.85 8.25 -36.61
C SER A 173 -8.59 7.83 -35.84
N ARG A 174 -8.47 8.26 -34.60
CA ARG A 174 -7.35 7.89 -33.75
C ARG A 174 -7.56 6.58 -33.01
N LEU A 175 -8.79 6.03 -33.06
CA LEU A 175 -9.10 4.82 -32.29
C LEU A 175 -8.90 3.60 -33.16
N THR A 176 -7.62 3.33 -33.46
CA THR A 176 -7.19 2.35 -34.43
C THR A 176 -7.20 0.92 -33.91
N LYS A 177 -7.49 0.69 -32.63
CA LYS A 177 -7.65 -0.68 -32.17
C LYS A 177 -9.13 -1.11 -32.12
N LEU A 178 -10.07 -0.23 -32.43
CA LEU A 178 -11.47 -0.60 -32.42
C LEU A 178 -11.77 -1.71 -33.39
N ASP A 179 -12.38 -2.78 -32.88
CA ASP A 179 -13.00 -3.80 -33.74
C ASP A 179 -14.53 -3.78 -33.70
N THR A 180 -15.13 -3.07 -32.74
CA THR A 180 -16.57 -3.02 -32.58
C THR A 180 -16.94 -1.59 -32.24
N LEU A 181 -17.80 -1.00 -33.06
CA LEU A 181 -18.19 0.42 -32.91
C LEU A 181 -19.65 0.57 -33.23
N SER A 182 -20.41 1.15 -32.31
CA SER A 182 -21.77 1.56 -32.56
C SER A 182 -21.91 3.05 -32.49
N LEU A 183 -22.46 3.61 -33.53
CA LEU A 183 -22.85 5.00 -33.54
C LEU A 183 -24.31 5.13 -33.98
N GLU A 184 -25.10 4.07 -33.78
CA GLU A 184 -26.49 4.07 -34.23
C GLU A 184 -27.34 5.13 -33.51
N ASP A 185 -28.32 5.68 -34.21
CA ASP A 185 -29.23 6.66 -33.65
C ASP A 185 -28.56 7.90 -33.07
N ASN A 186 -27.82 8.54 -33.96
CA ASN A 186 -27.16 9.82 -33.75
C ASN A 186 -27.49 10.74 -34.91
N GLN A 187 -26.70 11.77 -35.18
CA GLN A 187 -27.01 12.77 -36.17
C GLN A 187 -25.81 12.92 -37.11
N ILE A 188 -25.16 11.80 -37.44
CA ILE A 188 -23.90 11.81 -38.14
C ILE A 188 -24.17 11.77 -39.63
N SER A 189 -23.57 12.68 -40.37
CA SER A 189 -23.52 12.61 -41.84
C SER A 189 -22.13 12.36 -42.39
N ASP A 190 -21.11 12.79 -41.65
CA ASP A 190 -19.77 12.65 -42.15
C ASP A 190 -19.11 11.45 -41.49
N ILE A 191 -18.93 10.37 -42.25
CA ILE A 191 -18.26 9.17 -41.76
C ILE A 191 -16.83 8.98 -42.31
N VAL A 192 -16.28 10.00 -42.91
CA VAL A 192 -14.89 9.98 -43.34
C VAL A 192 -13.86 9.71 -42.19
N PRO A 193 -14.10 10.20 -40.99
CA PRO A 193 -13.16 9.70 -39.92
C PRO A 193 -13.08 8.19 -39.69
N LEU A 194 -14.01 7.40 -40.24
CA LEU A 194 -13.92 5.94 -40.08
C LEU A 194 -13.02 5.28 -41.16
N ALA A 195 -12.65 6.03 -42.20
CA ALA A 195 -12.19 5.40 -43.47
C ALA A 195 -10.95 4.58 -43.35
N GLY A 196 -10.05 4.98 -42.45
CA GLY A 196 -8.82 4.25 -42.18
C GLY A 196 -8.80 3.26 -41.03
N LEU A 197 -9.96 3.06 -40.37
CA LEU A 197 -10.09 2.16 -39.24
C LEU A 197 -10.27 0.71 -39.67
N THR A 198 -9.26 0.21 -40.35
CA THR A 198 -9.34 -1.07 -41.02
C THR A 198 -9.50 -2.27 -40.10
N LYS A 199 -9.28 -2.12 -38.79
CA LYS A 199 -9.52 -3.22 -37.85
C LYS A 199 -11.02 -3.44 -37.59
N LEU A 200 -11.87 -2.49 -37.99
CA LEU A 200 -13.30 -2.59 -37.62
C LEU A 200 -13.91 -3.88 -38.20
N GLN A 201 -14.60 -4.61 -37.34
CA GLN A 201 -15.30 -5.85 -37.67
CA GLN A 201 -15.28 -5.85 -37.68
C GLN A 201 -16.81 -5.69 -37.57
N ASN A 202 -17.27 -4.95 -36.56
CA ASN A 202 -18.66 -4.79 -36.26
C ASN A 202 -19.03 -3.35 -36.17
N LEU A 203 -19.87 -2.88 -37.11
CA LEU A 203 -20.13 -1.46 -37.25
C LEU A 203 -21.59 -1.12 -37.40
N TYR A 204 -22.14 -0.37 -36.41
CA TYR A 204 -23.56 -0.13 -36.30
C TYR A 204 -23.79 1.36 -36.56
N LEU A 205 -24.39 1.66 -37.71
CA LEU A 205 -24.60 3.02 -38.18
C LEU A 205 -26.00 3.37 -38.60
N SER A 206 -26.99 2.55 -38.21
CA SER A 206 -28.35 2.83 -38.57
C SER A 206 -28.81 4.11 -37.88
N LYS A 207 -29.81 4.73 -38.45
CA LYS A 207 -30.51 5.86 -37.85
C LYS A 207 -29.55 7.01 -37.60
N ASN A 208 -28.75 7.30 -38.62
CA ASN A 208 -28.03 8.56 -38.69
C ASN A 208 -28.52 9.42 -39.85
N HIS A 209 -27.64 10.27 -40.37
CA HIS A 209 -27.94 11.15 -41.48
C HIS A 209 -26.99 10.84 -42.62
N ILE A 210 -26.71 9.56 -42.84
CA ILE A 210 -25.67 9.15 -43.77
C ILE A 210 -26.22 8.98 -45.17
N SER A 211 -25.68 9.72 -46.12
CA SER A 211 -26.14 9.56 -47.54
C SER A 211 -25.03 9.10 -48.47
N ASP A 212 -23.80 8.98 -47.96
CA ASP A 212 -22.65 8.72 -48.77
C ASP A 212 -21.82 7.65 -48.11
N LEU A 213 -21.67 6.48 -48.75
CA LEU A 213 -20.89 5.37 -48.18
C LEU A 213 -19.44 5.26 -48.59
N ARG A 214 -18.94 6.25 -49.30
CA ARG A 214 -17.56 6.18 -49.80
CA ARG A 214 -17.56 6.18 -49.79
C ARG A 214 -16.55 5.96 -48.70
N ALA A 215 -16.83 6.53 -47.51
CA ALA A 215 -15.91 6.42 -46.39
C ALA A 215 -15.64 4.96 -46.03
N LEU A 216 -16.60 4.07 -46.31
CA LEU A 216 -16.48 2.68 -45.89
C LEU A 216 -15.77 1.76 -46.88
N ALA A 217 -15.35 2.29 -48.01
CA ALA A 217 -14.89 1.48 -49.16
C ALA A 217 -13.68 0.62 -48.83
N GLY A 218 -12.82 1.07 -47.93
CA GLY A 218 -11.64 0.27 -47.58
C GLY A 218 -11.73 -0.59 -46.30
N LEU A 219 -12.92 -0.77 -45.72
CA LEU A 219 -13.04 -1.51 -44.44
C LEU A 219 -13.25 -3.02 -44.64
N LYS A 220 -12.19 -3.67 -45.06
CA LYS A 220 -12.24 -5.04 -45.61
C LYS A 220 -12.46 -6.14 -44.59
N ASN A 221 -12.34 -5.81 -43.30
CA ASN A 221 -12.53 -6.79 -42.22
C ASN A 221 -13.91 -6.74 -41.59
N LEU A 222 -14.82 -5.96 -42.16
CA LEU A 222 -16.18 -5.92 -41.66
C LEU A 222 -16.84 -7.29 -41.75
N ASP A 223 -17.55 -7.63 -40.70
CA ASP A 223 -18.30 -8.87 -40.55
C ASP A 223 -19.76 -8.60 -40.26
N VAL A 224 -20.04 -7.55 -39.47
CA VAL A 224 -21.37 -7.12 -39.19
C VAL A 224 -21.48 -5.64 -39.51
N LEU A 225 -22.51 -5.26 -40.23
CA LEU A 225 -22.67 -3.86 -40.66
C LEU A 225 -24.11 -3.50 -40.70
N GLU A 226 -24.50 -2.34 -40.15
CA GLU A 226 -25.91 -1.92 -40.19
C GLU A 226 -25.97 -0.49 -40.66
N LEU A 227 -26.83 -0.22 -41.63
CA LEU A 227 -26.85 1.02 -42.32
C LEU A 227 -28.27 1.54 -42.65
N PHE A 228 -29.28 1.03 -41.97
CA PHE A 228 -30.66 1.32 -42.36
C PHE A 228 -31.20 2.61 -41.69
N SER A 229 -32.33 3.07 -42.16
CA SER A 229 -33.11 4.14 -41.57
C SER A 229 -32.36 5.45 -41.42
N GLN A 230 -31.59 5.82 -42.41
CA GLN A 230 -31.03 7.17 -42.44
C GLN A 230 -32.09 8.23 -42.67
N GLU A 231 -31.88 9.42 -42.12
CA GLU A 231 -32.74 10.57 -42.38
C GLU A 231 -31.82 11.69 -42.78
N CYS A 232 -31.88 12.08 -44.04
CA CYS A 232 -30.98 13.08 -44.58
C CYS A 232 -31.82 14.30 -44.91
N LEU A 233 -31.38 15.47 -44.45
CA LEU A 233 -32.17 16.69 -44.60
C LEU A 233 -31.40 17.64 -45.48
N ASN A 234 -31.94 17.91 -46.67
CA ASN A 234 -31.36 18.94 -47.56
C ASN A 234 -31.63 20.34 -47.02
N LYS A 235 -30.74 21.28 -47.33
CA LYS A 235 -30.98 22.70 -47.02
C LYS A 235 -32.16 23.20 -47.85
N PRO A 236 -33.04 24.05 -47.26
CA PRO A 236 -34.26 24.43 -47.97
C PRO A 236 -34.01 25.13 -49.30
N ILE A 237 -34.94 24.96 -50.24
CA ILE A 237 -34.91 25.64 -51.53
C ILE A 237 -36.27 26.27 -51.78
N ASN A 238 -36.34 27.23 -52.71
CA ASN A 238 -37.60 27.83 -53.11
C ASN A 238 -38.55 26.83 -53.77
N HIS A 239 -39.81 26.85 -53.31
CA HIS A 239 -40.92 26.13 -53.97
C HIS A 239 -41.05 26.59 -55.38
N GLN A 240 -41.15 25.64 -56.32
CA GLN A 240 -41.44 25.94 -57.72
C GLN A 240 -42.42 24.91 -58.25
N SER A 241 -43.01 25.20 -59.40
CA SER A 241 -43.91 24.27 -60.07
C SER A 241 -43.14 23.06 -60.60
N ASN A 242 -41.94 23.32 -61.10
CA ASN A 242 -41.05 22.25 -61.58
C ASN A 242 -39.78 22.23 -60.75
N LEU A 243 -39.70 21.24 -59.89
CA LEU A 243 -38.61 21.10 -58.96
C LEU A 243 -37.62 20.07 -59.49
N VAL A 244 -36.33 20.42 -59.44
CA VAL A 244 -35.26 19.48 -59.77
C VAL A 244 -34.25 19.46 -58.60
N VAL A 245 -33.97 18.27 -58.06
CA VAL A 245 -33.04 18.12 -56.92
C VAL A 245 -32.03 17.02 -57.23
N PRO A 246 -30.74 17.34 -57.21
CA PRO A 246 -29.72 16.31 -57.44
C PRO A 246 -29.85 15.18 -56.45
N ASN A 247 -29.64 13.96 -56.92
CA ASN A 247 -29.63 12.81 -56.06
C ASN A 247 -28.23 12.80 -55.51
N THR A 248 -28.11 12.77 -54.18
CA THR A 248 -26.81 12.81 -53.53
C THR A 248 -26.48 11.51 -52.79
N VAL A 249 -27.33 10.49 -52.94
CA VAL A 249 -27.14 9.23 -52.25
C VAL A 249 -26.13 8.35 -53.00
N LYS A 250 -25.05 7.98 -52.33
CA LYS A 250 -23.93 7.32 -52.95
C LYS A 250 -23.48 6.03 -52.29
N ASN A 251 -23.19 5.05 -53.14
CA ASN A 251 -22.66 3.76 -52.72
C ASN A 251 -21.21 3.79 -52.38
N THR A 252 -20.66 2.65 -51.96
CA THR A 252 -19.29 2.63 -51.48
C THR A 252 -18.34 2.99 -52.61
N ASP A 253 -18.72 2.66 -53.85
CA ASP A 253 -17.91 2.96 -54.99
C ASP A 253 -18.21 4.35 -55.57
N GLY A 254 -19.05 5.14 -54.90
CA GLY A 254 -19.40 6.47 -55.38
C GLY A 254 -20.51 6.57 -56.40
N SER A 255 -21.04 5.43 -56.86
CA SER A 255 -22.15 5.45 -57.81
C SER A 255 -23.43 5.85 -57.10
N LEU A 256 -24.34 6.49 -57.83
CA LEU A 256 -25.56 7.00 -57.27
C LEU A 256 -26.50 5.85 -57.00
N VAL A 257 -27.19 5.90 -55.86
CA VAL A 257 -28.23 4.93 -55.53
C VAL A 257 -29.55 5.41 -56.10
N THR A 258 -30.17 4.62 -56.98
CA THR A 258 -31.45 5.01 -57.56
C THR A 258 -32.52 5.01 -56.50
N PRO A 259 -33.29 6.10 -56.40
CA PRO A 259 -34.35 6.15 -55.43
C PRO A 259 -35.35 4.99 -55.58
N GLU A 260 -35.82 4.52 -54.44
CA GLU A 260 -36.83 3.46 -54.45
C GLU A 260 -38.19 4.05 -54.63
N ILE A 261 -38.52 5.06 -53.85
CA ILE A 261 -39.82 5.74 -53.92
C ILE A 261 -39.66 7.23 -53.78
N ILE A 262 -40.39 7.97 -54.61
CA ILE A 262 -40.28 9.42 -54.65
C ILE A 262 -41.65 10.00 -54.32
N SER A 263 -41.68 10.97 -53.40
CA SER A 263 -42.95 11.55 -52.95
C SER A 263 -43.67 12.28 -54.07
N ASP A 264 -44.94 12.59 -53.80
CA ASP A 264 -45.72 13.49 -54.63
C ASP A 264 -45.61 13.16 -56.13
N ASP A 265 -45.63 11.86 -56.44
CA ASP A 265 -45.60 11.36 -57.83
C ASP A 265 -44.39 11.88 -58.66
N GLY A 266 -43.34 12.30 -57.98
CA GLY A 266 -42.09 12.69 -58.65
C GLY A 266 -41.45 11.52 -59.37
N ASP A 267 -40.44 11.79 -60.19
CA ASP A 267 -39.71 10.71 -60.86
C ASP A 267 -38.21 11.02 -60.94
N TYR A 268 -37.45 10.03 -61.37
CA TYR A 268 -35.99 10.12 -61.39
C TYR A 268 -35.56 10.21 -62.84
N GLU A 269 -34.81 11.26 -63.18
CA GLU A 269 -34.05 11.32 -64.42
C GLU A 269 -32.59 11.55 -64.06
N LYS A 270 -31.82 10.47 -64.06
CA LYS A 270 -30.50 10.43 -63.45
C LYS A 270 -29.68 11.58 -64.00
N PRO A 271 -29.00 12.37 -63.13
CA PRO A 271 -28.79 12.26 -61.65
C PRO A 271 -29.80 13.02 -60.78
N ASN A 272 -30.92 13.41 -61.34
CA ASN A 272 -31.85 14.33 -60.68
C ASN A 272 -33.20 13.68 -60.39
N VAL A 273 -33.80 14.07 -59.27
CA VAL A 273 -35.20 13.76 -58.93
C VAL A 273 -36.02 14.99 -59.29
N LYS A 274 -37.14 14.77 -59.99
CA LYS A 274 -37.97 15.86 -60.49
C LYS A 274 -39.40 15.71 -60.05
N TRP A 275 -40.02 16.84 -59.69
CA TRP A 275 -41.44 16.90 -59.40
C TRP A 275 -42.09 17.84 -60.41
N ASN A 282 -44.69 22.48 -49.31
CA ASN A 282 -43.63 22.88 -48.39
C ASN A 282 -42.48 21.85 -48.16
N GLU A 283 -42.67 20.63 -48.66
CA GLU A 283 -41.63 19.61 -48.58
C GLU A 283 -41.87 18.48 -49.57
N VAL A 284 -40.79 18.00 -50.20
CA VAL A 284 -40.79 16.73 -50.91
C VAL A 284 -39.70 15.80 -50.38
N SER A 285 -39.80 14.52 -50.69
CA SER A 285 -38.83 13.52 -50.21
C SER A 285 -38.69 12.31 -51.12
N PHE A 286 -37.68 11.50 -50.85
CA PHE A 286 -37.57 10.19 -51.50
C PHE A 286 -36.90 9.20 -50.59
N ILE A 287 -37.21 7.92 -50.79
CA ILE A 287 -36.65 6.84 -49.99
C ILE A 287 -35.72 6.03 -50.87
N PHE A 288 -34.63 5.53 -50.28
CA PHE A 288 -33.69 4.61 -50.93
C PHE A 288 -33.50 3.35 -50.14
N TYR A 289 -33.14 2.28 -50.86
CA TYR A 289 -32.94 0.98 -50.29
C TYR A 289 -32.00 0.22 -51.17
N GLN A 290 -30.83 -0.13 -50.64
CA GLN A 290 -29.80 -0.76 -51.46
C GLN A 290 -29.00 -1.75 -50.66
N PRO A 291 -29.15 -3.06 -50.94
CA PRO A 291 -28.27 -4.05 -50.33
C PRO A 291 -26.82 -3.78 -50.73
N VAL A 292 -25.90 -3.79 -49.76
CA VAL A 292 -24.48 -3.56 -50.04
C VAL A 292 -23.66 -4.64 -49.36
N THR A 293 -22.48 -4.90 -49.90
CA THR A 293 -21.53 -5.82 -49.29
C THR A 293 -20.20 -5.12 -49.18
N ILE A 294 -19.59 -5.20 -48.00
CA ILE A 294 -18.25 -4.68 -47.72
C ILE A 294 -17.55 -5.78 -46.95
N GLY A 295 -16.53 -6.35 -47.56
CA GLY A 295 -15.88 -7.55 -47.04
C GLY A 295 -16.88 -8.68 -46.94
N LYS A 296 -16.95 -9.29 -45.76
CA LYS A 296 -17.93 -10.36 -45.51
C LYS A 296 -19.27 -9.83 -45.00
N ALA A 297 -19.36 -8.53 -44.78
CA ALA A 297 -20.56 -7.93 -44.20
C ALA A 297 -21.57 -7.55 -45.25
N LYS A 298 -22.81 -7.99 -45.06
CA LYS A 298 -23.92 -7.63 -45.93
C LYS A 298 -24.83 -6.69 -45.13
N ALA A 299 -25.23 -5.59 -45.71
CA ALA A 299 -26.15 -4.66 -45.02
C ALA A 299 -27.13 -4.10 -46.00
N ARG A 300 -28.19 -3.50 -45.48
CA ARG A 300 -29.13 -2.76 -46.29
C ARG A 300 -28.96 -1.27 -45.97
N PHE A 301 -28.47 -0.55 -46.97
CA PHE A 301 -28.35 0.89 -46.94
C PHE A 301 -29.68 1.49 -47.34
N HIS A 302 -30.29 2.26 -46.45
CA HIS A 302 -31.69 2.62 -46.57
C HIS A 302 -31.92 3.91 -45.81
N GLY A 303 -32.84 4.71 -46.33
CA GLY A 303 -33.25 5.91 -45.67
C GLY A 303 -34.10 6.80 -46.49
N ARG A 304 -34.24 8.05 -46.04
CA ARG A 304 -35.04 9.06 -46.70
C ARG A 304 -34.25 10.34 -46.83
N VAL A 305 -34.32 10.96 -48.02
CA VAL A 305 -33.85 12.34 -48.21
C VAL A 305 -35.04 13.26 -48.25
N THR A 306 -35.04 14.28 -47.38
CA THR A 306 -36.12 15.26 -47.33
C THR A 306 -35.67 16.64 -47.83
N GLN A 307 -36.49 17.25 -48.69
CA GLN A 307 -36.24 18.58 -49.26
C GLN A 307 -37.31 19.54 -48.74
N PRO A 308 -36.94 20.41 -47.80
CA PRO A 308 -37.85 21.49 -47.42
C PRO A 308 -37.96 22.52 -48.54
N LEU A 309 -39.12 23.15 -48.65
CA LEU A 309 -39.37 24.16 -49.69
C LEU A 309 -39.87 25.47 -49.07
N LYS A 310 -39.29 26.61 -49.48
CA LYS A 310 -39.66 27.93 -48.95
C LYS A 310 -40.20 28.81 -50.05
N GLU B 4 -8.37 22.06 6.92
CA GLU B 4 -9.54 21.79 7.83
C GLU B 4 -9.32 22.45 9.22
N THR B 5 -10.40 23.03 9.77
CA THR B 5 -10.38 23.58 11.13
C THR B 5 -11.59 23.09 11.94
N ILE B 6 -11.44 22.95 13.26
CA ILE B 6 -12.62 22.67 14.06
C ILE B 6 -13.08 24.06 14.55
N THR B 7 -14.37 24.32 14.63
CA THR B 7 -14.86 25.68 14.93
C THR B 7 -15.47 25.83 16.35
N VAL B 8 -15.67 24.72 17.05
CA VAL B 8 -16.13 24.69 18.42
C VAL B 8 -15.26 23.71 19.21
N PRO B 9 -15.12 23.93 20.51
CA PRO B 9 -14.32 22.97 21.34
C PRO B 9 -14.91 21.59 21.21
N THR B 10 -14.07 20.59 20.99
CA THR B 10 -14.53 19.25 20.61
C THR B 10 -13.69 18.19 21.36
N PRO B 11 -14.34 17.20 21.98
CA PRO B 11 -13.54 16.15 22.62
C PRO B 11 -12.49 15.52 21.69
N ILE B 12 -11.31 15.29 22.23
CA ILE B 12 -10.23 14.79 21.45
C ILE B 12 -10.68 13.52 20.66
N LYS B 13 -11.40 12.63 21.32
CA LYS B 13 -11.75 11.34 20.71
C LYS B 13 -12.76 11.46 19.56
N GLN B 14 -13.46 12.59 19.44
CA GLN B 14 -14.38 12.75 18.30
CA GLN B 14 -14.39 12.84 18.30
C GLN B 14 -13.64 13.22 17.06
N ILE B 15 -12.46 13.80 17.24
CA ILE B 15 -11.64 14.28 16.15
C ILE B 15 -10.61 13.21 15.76
N PHE B 16 -9.97 12.62 16.77
CA PHE B 16 -8.92 11.62 16.55
C PHE B 16 -9.49 10.27 16.88
N SER B 17 -10.02 9.64 15.87
CA SER B 17 -10.90 8.53 16.11
C SER B 17 -10.22 7.24 16.57
N ASP B 18 -8.93 7.11 16.34
CA ASP B 18 -8.18 5.95 16.86
C ASP B 18 -7.89 6.25 18.33
N ASP B 19 -8.34 5.38 19.23
CA ASP B 19 -8.06 5.50 20.68
C ASP B 19 -6.59 5.79 21.00
N ALA B 20 -5.69 5.05 20.37
CA ALA B 20 -4.27 5.21 20.62
C ALA B 20 -3.76 6.58 20.17
N PHE B 21 -4.24 7.11 19.06
CA PHE B 21 -3.75 8.37 18.59
C PHE B 21 -4.37 9.50 19.42
N ALA B 22 -5.63 9.31 19.79
CA ALA B 22 -6.29 10.24 20.75
C ALA B 22 -5.47 10.35 22.04
N GLU B 23 -4.97 9.22 22.54
CA GLU B 23 -4.16 9.25 23.72
CA GLU B 23 -4.15 9.23 23.74
C GLU B 23 -2.86 10.01 23.46
N THR B 24 -2.29 9.81 22.26
CA THR B 24 -1.10 10.59 21.87
C THR B 24 -1.34 12.07 21.88
N ILE B 25 -2.47 12.50 21.32
CA ILE B 25 -2.78 13.95 21.29
C ILE B 25 -3.02 14.49 22.73
N LYS B 26 -3.79 13.76 23.52
CA LYS B 26 -4.07 14.10 24.90
C LYS B 26 -2.76 14.30 25.68
N ASP B 27 -1.82 13.36 25.50
CA ASP B 27 -0.52 13.43 26.18
C ASP B 27 0.25 14.63 25.66
N ASN B 28 0.23 14.84 24.33
CA ASN B 28 0.97 15.97 23.74
C ASN B 28 0.47 17.31 24.29
N LEU B 29 -0.84 17.47 24.41
CA LEU B 29 -1.45 18.70 24.92
C LEU B 29 -1.57 18.69 26.44
N LYS B 30 -1.04 17.66 27.08
CA LYS B 30 -1.09 17.52 28.54
C LYS B 30 -2.52 17.59 29.08
N LYS B 31 -3.45 16.93 28.42
CA LYS B 31 -4.82 16.85 28.90
C LYS B 31 -4.98 15.66 29.81
N LYS B 32 -6.15 15.49 30.44
CA LYS B 32 -6.32 14.41 31.42
C LYS B 32 -7.02 13.18 30.84
N SER B 33 -7.79 13.39 29.76
CA SER B 33 -8.64 12.36 29.19
C SER B 33 -8.82 12.60 27.70
N VAL B 34 -9.00 11.51 26.94
CA VAL B 34 -9.30 11.64 25.51
C VAL B 34 -10.73 12.23 25.33
N THR B 35 -11.49 12.31 26.41
CA THR B 35 -12.78 13.00 26.36
C THR B 35 -12.63 14.52 26.55
N ASP B 36 -11.47 15.02 26.94
CA ASP B 36 -11.30 16.47 27.12
C ASP B 36 -11.43 17.19 25.79
N ALA B 37 -12.05 18.35 25.85
CA ALA B 37 -12.26 19.18 24.72
C ALA B 37 -10.97 19.87 24.29
N VAL B 38 -10.77 19.99 22.98
CA VAL B 38 -9.75 20.89 22.47
C VAL B 38 -10.34 21.86 21.46
N THR B 39 -9.66 22.99 21.28
CA THR B 39 -10.03 24.01 20.30
C THR B 39 -9.02 24.05 19.19
N GLN B 40 -9.37 24.67 18.06
CA GLN B 40 -8.42 24.75 16.96
C GLN B 40 -7.15 25.45 17.40
N ASN B 41 -7.27 26.47 18.23
CA ASN B 41 -6.09 27.17 18.77
C ASN B 41 -5.15 26.22 19.54
N GLU B 42 -5.68 25.31 20.35
CA GLU B 42 -4.85 24.32 21.05
C GLU B 42 -4.13 23.36 20.05
N LEU B 43 -4.85 22.87 19.05
CA LEU B 43 -4.28 22.03 17.98
C LEU B 43 -3.21 22.76 17.15
N ASN B 44 -3.37 24.07 16.97
CA ASN B 44 -2.42 24.90 16.21
C ASN B 44 -1.10 25.00 16.92
N SER B 45 -1.11 24.77 18.22
CA SER B 45 0.10 24.78 19.03
C SER B 45 0.99 23.56 18.79
N ILE B 46 0.45 22.51 18.19
CA ILE B 46 1.24 21.30 18.00
C ILE B 46 2.21 21.41 16.80
N ASP B 47 3.50 21.50 17.08
CA ASP B 47 4.54 21.56 16.05
CA ASP B 47 4.55 21.58 16.05
C ASP B 47 5.25 20.20 15.87
N GLN B 48 5.21 19.36 16.90
CA GLN B 48 5.91 18.06 16.85
C GLN B 48 5.12 17.00 17.56
N ILE B 49 5.05 15.82 16.94
CA ILE B 49 4.51 14.65 17.57
C ILE B 49 5.58 13.60 17.69
N ILE B 50 5.71 13.05 18.89
CA ILE B 50 6.57 11.88 19.11
C ILE B 50 5.67 10.78 19.60
N ALA B 51 5.41 9.81 18.74
CA ALA B 51 4.42 8.80 19.01
C ALA B 51 4.91 7.42 18.51
N ASN B 52 6.20 7.18 18.67
CA ASN B 52 6.70 5.81 18.50
C ASN B 52 6.05 4.84 19.46
N ASN B 53 5.91 3.58 19.07
CA ASN B 53 5.71 2.48 20.00
C ASN B 53 4.42 2.63 20.75
N SER B 54 3.34 3.02 20.05
CA SER B 54 2.08 3.45 20.72
C SER B 54 0.82 2.71 20.24
N ASP B 55 0.99 1.60 19.53
CA ASP B 55 -0.11 0.84 18.96
C ASP B 55 -1.12 1.68 18.15
N ILE B 56 -0.65 2.70 17.49
CA ILE B 56 -1.53 3.58 16.69
C ILE B 56 -1.92 2.84 15.43
N LYS B 57 -3.20 2.88 15.14
CA LYS B 57 -3.77 2.22 13.98
C LYS B 57 -4.22 3.21 12.89
N SER B 58 -4.48 4.45 13.23
CA SER B 58 -4.94 5.45 12.26
C SER B 58 -4.57 6.83 12.78
N VAL B 59 -4.18 7.74 11.89
CA VAL B 59 -3.91 9.14 12.28
C VAL B 59 -5.01 10.08 11.75
N GLN B 60 -6.20 9.53 11.51
CA GLN B 60 -7.37 10.36 11.23
C GLN B 60 -7.46 11.43 12.34
N GLY B 61 -7.69 12.66 11.90
CA GLY B 61 -7.69 13.80 12.76
C GLY B 61 -6.45 14.66 12.63
N ILE B 62 -5.34 14.07 12.25
CA ILE B 62 -4.09 14.80 12.12
C ILE B 62 -4.15 15.93 11.13
N GLN B 63 -5.12 15.90 10.21
CA GLN B 63 -5.26 17.01 9.26
C GLN B 63 -5.58 18.36 9.92
N TYR B 64 -5.98 18.36 11.19
CA TYR B 64 -6.29 19.59 11.95
C TYR B 64 -5.07 20.16 12.67
N LEU B 65 -3.89 19.61 12.39
CA LEU B 65 -2.62 20.10 12.94
C LEU B 65 -1.78 20.85 11.87
N PRO B 66 -2.18 22.09 11.45
CA PRO B 66 -1.51 22.78 10.33
C PRO B 66 -0.05 23.16 10.59
N ASN B 67 0.34 23.23 11.86
CA ASN B 67 1.70 23.65 12.19
C ASN B 67 2.67 22.52 12.47
N LEU B 68 2.21 21.30 12.28
CA LEU B 68 3.02 20.14 12.54
C LEU B 68 4.17 20.09 11.56
N THR B 69 5.41 20.07 12.05
CA THR B 69 6.56 20.01 11.19
C THR B 69 7.34 18.68 11.29
N SER B 70 7.26 18.02 12.45
CA SER B 70 7.97 16.75 12.71
C SER B 70 7.02 15.71 13.28
N LEU B 71 7.00 14.52 12.65
CA LEU B 71 6.03 13.52 12.95
C LEU B 71 6.71 12.19 13.02
N ASN B 72 6.78 11.67 14.24
CA ASN B 72 7.32 10.37 14.49
C ASN B 72 6.25 9.39 14.87
N LEU B 73 5.95 8.49 13.93
CA LEU B 73 4.99 7.44 14.08
C LEU B 73 5.66 6.05 13.93
N SER B 74 6.92 5.96 14.30
CA SER B 74 7.70 4.68 14.21
C SER B 74 7.11 3.56 15.05
N ASN B 75 7.08 2.33 14.48
CA ASN B 75 6.65 1.13 15.18
C ASN B 75 5.26 1.30 15.76
N ASN B 76 4.31 1.49 14.84
CA ASN B 76 2.87 1.43 15.12
C ASN B 76 2.27 0.43 14.11
N GLN B 77 0.99 0.58 13.79
N GLN B 77 0.99 0.56 13.80
CA GLN B 77 0.31 -0.37 12.93
CA GLN B 77 0.28 -0.38 12.90
C GLN B 77 -0.52 0.41 11.90
C GLN B 77 -0.52 0.40 11.87
N ILE B 78 0.03 1.51 11.43
CA ILE B 78 -0.70 2.39 10.51
C ILE B 78 -0.76 1.84 9.09
N THR B 79 -1.96 1.88 8.51
CA THR B 79 -2.19 1.34 7.16
C THR B 79 -2.41 2.42 6.11
N ASP B 80 -2.76 3.61 6.55
CA ASP B 80 -3.15 4.67 5.64
C ASP B 80 -2.61 5.96 6.16
N ILE B 81 -1.85 6.68 5.34
CA ILE B 81 -1.36 8.01 5.73
C ILE B 81 -2.01 9.17 4.97
N SER B 82 -3.17 8.94 4.36
CA SER B 82 -3.83 10.00 3.60
C SER B 82 -4.16 11.25 4.42
N PRO B 83 -4.50 11.10 5.73
CA PRO B 83 -4.73 12.34 6.47
C PRO B 83 -3.52 13.30 6.57
N ILE B 84 -2.32 12.83 6.31
CA ILE B 84 -1.08 13.65 6.35
C ILE B 84 -0.92 14.55 5.09
N GLN B 85 -1.68 14.26 4.04
CA GLN B 85 -1.38 14.84 2.73
C GLN B 85 -1.63 16.35 2.67
N TYR B 86 -2.52 16.81 3.56
N TYR B 86 -2.50 16.86 3.51
CA TYR B 86 -2.94 18.20 3.72
CA TYR B 86 -2.66 18.31 3.40
C TYR B 86 -1.96 19.06 4.53
C TYR B 86 -1.94 19.09 4.52
N LEU B 87 -0.95 18.44 5.13
CA LEU B 87 -0.09 19.11 6.10
C LEU B 87 1.18 19.63 5.44
N PRO B 88 1.15 20.89 5.04
CA PRO B 88 2.17 21.36 4.14
C PRO B 88 3.49 21.69 4.83
N ASN B 89 3.47 21.89 6.15
CA ASN B 89 4.67 22.25 6.91
C ASN B 89 5.50 21.03 7.42
N VAL B 90 5.03 19.82 7.12
CA VAL B 90 5.79 18.61 7.54
C VAL B 90 7.11 18.58 6.80
N THR B 91 8.22 18.52 7.55
CA THR B 91 9.52 18.34 6.96
C THR B 91 10.25 17.04 7.37
N LYS B 92 9.81 16.40 8.45
CA LYS B 92 10.41 15.18 8.97
C LYS B 92 9.32 14.17 9.34
N LEU B 93 9.44 12.98 8.73
CA LEU B 93 8.44 11.96 8.79
C LEU B 93 9.11 10.62 9.06
N PHE B 94 8.85 10.11 10.25
CA PHE B 94 9.38 8.80 10.70
C PHE B 94 8.20 7.84 10.71
N LEU B 95 8.22 6.96 9.73
CA LEU B 95 7.12 6.00 9.51
C LEU B 95 7.60 4.57 9.51
N ASN B 96 8.80 4.35 10.05
CA ASN B 96 9.41 2.99 10.13
C ASN B 96 8.53 2.07 10.90
N GLY B 97 8.38 0.82 10.44
CA GLY B 97 7.65 -0.21 11.17
C GLY B 97 6.14 0.01 11.30
N ASN B 98 5.48 0.22 10.18
CA ASN B 98 4.08 0.34 10.13
C ASN B 98 3.57 -0.67 9.11
N LYS B 99 2.36 -0.48 8.63
CA LYS B 99 1.78 -1.41 7.62
C LYS B 99 1.40 -0.64 6.36
N LEU B 100 2.28 0.24 5.91
CA LEU B 100 1.94 1.10 4.78
C LEU B 100 2.21 0.38 3.47
N THR B 101 1.36 0.66 2.50
CA THR B 101 1.58 0.16 1.15
C THR B 101 1.61 1.35 0.19
N ASP B 102 0.65 2.24 0.32
CA ASP B 102 0.45 3.34 -0.63
C ASP B 102 1.05 4.60 -0.03
N ILE B 103 2.01 5.22 -0.73
CA ILE B 103 2.50 6.47 -0.27
C ILE B 103 2.15 7.63 -1.21
N LYS B 104 1.09 7.47 -2.02
CA LYS B 104 0.63 8.54 -2.92
C LYS B 104 0.30 9.83 -2.13
N PRO B 105 -0.34 9.74 -0.96
CA PRO B 105 -0.57 10.98 -0.21
C PRO B 105 0.66 11.82 0.14
N LEU B 106 1.86 11.26 0.14
CA LEU B 106 3.05 12.05 0.45
C LEU B 106 3.45 12.96 -0.74
N ALA B 107 2.92 12.71 -1.93
CA ALA B 107 3.33 13.48 -3.11
C ALA B 107 3.11 14.96 -2.87
N ASN B 108 2.14 15.30 -2.02
CA ASN B 108 1.75 16.68 -1.76
C ASN B 108 2.65 17.41 -0.77
N LEU B 109 3.52 16.69 -0.08
CA LEU B 109 4.33 17.26 1.00
C LEU B 109 5.61 17.86 0.45
N LYS B 110 5.40 18.99 -0.23
CA LYS B 110 6.44 19.67 -0.97
CA LYS B 110 6.44 19.69 -0.96
C LYS B 110 7.64 20.07 -0.11
N ASN B 111 7.45 20.20 1.20
CA ASN B 111 8.55 20.60 2.07
C ASN B 111 9.20 19.45 2.80
N LEU B 112 8.83 18.23 2.44
CA LEU B 112 9.42 17.08 3.09
C LEU B 112 10.92 17.01 2.85
N GLY B 113 11.67 16.82 3.94
CA GLY B 113 13.13 16.81 3.92
C GLY B 113 13.70 15.43 4.27
N TRP B 114 13.13 14.78 5.29
CA TRP B 114 13.55 13.47 5.77
CA TRP B 114 13.55 13.47 5.77
C TRP B 114 12.35 12.57 5.78
N LEU B 115 12.47 11.42 5.17
CA LEU B 115 11.39 10.47 5.10
C LEU B 115 11.97 9.06 5.41
N PHE B 116 11.48 8.45 6.47
CA PHE B 116 11.93 7.13 6.92
C PHE B 116 10.73 6.16 6.86
N LEU B 117 10.87 5.15 6.00
CA LEU B 117 9.81 4.20 5.67
C LEU B 117 10.24 2.73 5.71
N ASP B 118 11.25 2.38 6.50
CA ASP B 118 11.73 1.01 6.58
C ASP B 118 10.65 0.12 7.19
N GLU B 119 10.67 -1.16 6.86
CA GLU B 119 9.74 -2.13 7.40
C GLU B 119 8.30 -1.68 7.20
N ASN B 120 7.95 -1.43 5.93
CA ASN B 120 6.63 -1.32 5.47
C ASN B 120 6.53 -2.21 4.23
N LYS B 121 5.53 -1.99 3.38
CA LYS B 121 5.39 -2.75 2.17
C LYS B 121 5.14 -1.79 1.00
N VAL B 122 5.89 -0.68 0.98
CA VAL B 122 5.82 0.26 -0.12
C VAL B 122 6.60 -0.27 -1.32
N LYS B 123 5.94 -0.54 -2.44
CA LYS B 123 6.64 -1.09 -3.61
C LYS B 123 6.72 -0.16 -4.80
N ASP B 124 6.03 0.98 -4.74
CA ASP B 124 6.00 1.93 -5.85
C ASP B 124 6.41 3.30 -5.33
N LEU B 125 7.40 3.89 -5.96
CA LEU B 125 8.05 5.11 -5.46
C LEU B 125 7.78 6.29 -6.38
N SER B 126 7.00 6.10 -7.43
CA SER B 126 6.77 7.22 -8.36
C SER B 126 6.10 8.40 -7.66
N SER B 127 5.37 8.10 -6.58
CA SER B 127 4.78 9.15 -5.71
C SER B 127 5.77 10.10 -5.03
N LEU B 128 7.06 9.77 -5.03
CA LEU B 128 8.06 10.65 -4.44
C LEU B 128 8.71 11.64 -5.44
N LYS B 129 8.28 11.62 -6.70
CA LYS B 129 8.95 12.43 -7.73
C LYS B 129 8.76 13.94 -7.50
N ASP B 130 7.65 14.34 -6.89
CA ASP B 130 7.39 15.77 -6.68
C ASP B 130 8.40 16.46 -5.74
N LEU B 131 9.14 15.68 -4.95
CA LEU B 131 9.65 16.19 -3.67
C LEU B 131 11.04 16.78 -3.80
N LYS B 132 11.08 18.08 -4.08
CA LYS B 132 12.32 18.73 -4.47
C LYS B 132 13.16 19.15 -3.30
N LYS B 133 12.64 19.06 -2.06
CA LYS B 133 13.48 19.34 -0.87
C LYS B 133 13.92 18.08 -0.11
N LEU B 134 13.60 16.92 -0.66
CA LEU B 134 13.88 15.67 0.00
C LEU B 134 15.35 15.39 -0.04
N LYS B 135 15.96 15.25 1.13
CA LYS B 135 17.39 15.05 1.22
CA LYS B 135 17.41 15.05 1.23
C LYS B 135 17.77 13.64 1.73
N SER B 136 16.89 13.01 2.50
CA SER B 136 17.18 11.74 3.13
C SER B 136 15.93 10.86 3.04
N LEU B 137 16.11 9.70 2.47
CA LEU B 137 15.07 8.71 2.26
C LEU B 137 15.56 7.35 2.68
N SER B 138 14.77 6.64 3.48
CA SER B 138 15.10 5.29 3.88
C SER B 138 13.87 4.41 3.60
N LEU B 139 14.13 3.33 2.91
CA LEU B 139 13.12 2.44 2.39
C LEU B 139 13.56 1.00 2.49
N GLU B 140 14.32 0.65 3.52
CA GLU B 140 14.76 -0.72 3.67
C GLU B 140 13.61 -1.67 4.03
N HIS B 141 13.72 -2.94 3.64
CA HIS B 141 12.80 -3.99 4.08
C HIS B 141 11.36 -3.66 3.62
N ASN B 142 11.18 -3.27 2.34
CA ASN B 142 9.85 -2.99 1.80
C ASN B 142 9.41 -3.97 0.69
N GLY B 143 10.23 -4.93 0.38
CA GLY B 143 10.03 -5.81 -0.76
C GLY B 143 10.12 -5.11 -2.10
N ILE B 144 10.87 -4.02 -2.20
CA ILE B 144 10.89 -3.20 -3.42
C ILE B 144 11.74 -3.87 -4.50
N SER B 145 11.26 -3.87 -5.75
CA SER B 145 12.10 -4.17 -6.89
C SER B 145 12.28 -2.97 -7.84
N ASP B 146 11.25 -2.20 -8.07
CA ASP B 146 11.26 -1.15 -9.05
C ASP B 146 11.56 0.15 -8.34
N ILE B 147 12.75 0.70 -8.56
CA ILE B 147 13.08 2.00 -8.02
C ILE B 147 13.09 3.10 -9.09
N ASN B 148 12.44 2.88 -10.24
CA ASN B 148 12.54 3.82 -11.34
C ASN B 148 11.87 5.19 -11.03
N GLY B 149 10.98 5.22 -10.05
CA GLY B 149 10.35 6.49 -9.65
C GLY B 149 11.30 7.46 -8.92
N LEU B 150 12.45 6.96 -8.48
CA LEU B 150 13.45 7.80 -7.83
C LEU B 150 14.20 8.70 -8.86
N VAL B 151 13.76 8.66 -10.11
CA VAL B 151 14.29 9.53 -11.16
C VAL B 151 14.26 11.03 -10.78
N HIS B 152 13.18 11.49 -10.14
CA HIS B 152 13.00 12.94 -9.99
C HIS B 152 13.19 13.47 -8.62
N LEU B 153 14.04 12.76 -7.89
CA LEU B 153 14.62 13.28 -6.67
C LEU B 153 16.12 13.35 -6.95
N PRO B 154 16.49 14.07 -8.02
CA PRO B 154 17.93 14.16 -8.27
C PRO B 154 18.73 14.89 -7.15
N GLN B 155 18.04 15.60 -6.21
CA GLN B 155 18.73 16.32 -5.10
CA GLN B 155 18.70 16.32 -5.09
C GLN B 155 18.84 15.54 -3.76
N LEU B 156 18.54 14.26 -3.76
CA LEU B 156 18.72 13.41 -2.58
C LEU B 156 20.20 13.38 -2.18
N GLU B 157 20.49 13.37 -0.89
CA GLU B 157 21.86 13.26 -0.41
C GLU B 157 22.13 11.89 0.25
N SER B 158 21.08 11.29 0.81
CA SER B 158 21.22 10.02 1.53
C SER B 158 20.05 9.12 1.13
N LEU B 159 20.37 7.88 0.72
CA LEU B 159 19.34 6.93 0.29
C LEU B 159 19.70 5.52 0.78
N TYR B 160 18.83 4.94 1.60
CA TYR B 160 18.99 3.58 2.12
C TYR B 160 17.89 2.70 1.50
N LEU B 161 18.35 1.73 0.72
CA LEU B 161 17.49 0.78 0.04
C LEU B 161 17.88 -0.68 0.33
N GLY B 162 18.59 -0.90 1.41
CA GLY B 162 19.00 -2.25 1.78
C GLY B 162 17.87 -3.18 2.12
N ASN B 163 18.12 -4.50 1.92
CA ASN B 163 17.16 -5.52 2.26
C ASN B 163 15.84 -5.37 1.46
N ASN B 164 15.99 -5.31 0.14
CA ASN B 164 14.88 -5.33 -0.74
C ASN B 164 15.10 -6.41 -1.83
N LYS B 165 14.43 -6.26 -2.99
CA LYS B 165 14.58 -7.21 -4.08
C LYS B 165 15.04 -6.48 -5.31
N ILE B 166 16.00 -5.58 -5.17
CA ILE B 166 16.41 -4.77 -6.29
C ILE B 166 17.43 -5.48 -7.19
N THR B 167 17.23 -5.40 -8.48
CA THR B 167 18.23 -5.88 -9.47
C THR B 167 18.77 -4.73 -10.32
N ASP B 168 17.90 -3.77 -10.66
CA ASP B 168 18.22 -2.77 -11.66
C ASP B 168 18.34 -1.38 -11.04
N ILE B 169 19.56 -0.87 -11.01
CA ILE B 169 19.81 0.47 -10.43
C ILE B 169 20.13 1.55 -11.45
N THR B 170 19.68 1.32 -12.69
CA THR B 170 19.82 2.28 -13.75
C THR B 170 19.59 3.73 -13.29
N VAL B 171 18.49 3.99 -12.59
CA VAL B 171 18.07 5.39 -12.32
C VAL B 171 19.06 6.11 -11.38
N LEU B 172 19.86 5.35 -10.65
CA LEU B 172 20.79 5.97 -9.69
C LEU B 172 21.87 6.83 -10.37
N SER B 173 22.12 6.63 -11.68
CA SER B 173 23.12 7.49 -12.32
C SER B 173 22.70 8.98 -12.34
N ARG B 174 21.41 9.24 -12.17
CA ARG B 174 20.90 10.62 -12.11
C ARG B 174 21.00 11.24 -10.73
N LEU B 175 21.35 10.44 -9.71
CA LEU B 175 21.30 10.94 -8.34
C LEU B 175 22.65 11.42 -7.94
N THR B 176 23.02 12.53 -8.55
CA THR B 176 24.35 13.08 -8.52
C THR B 176 24.67 13.87 -7.25
N LYS B 177 23.71 14.00 -6.35
CA LYS B 177 23.98 14.65 -5.09
C LYS B 177 24.14 13.64 -3.98
N LEU B 178 23.94 12.35 -4.26
CA LEU B 178 24.12 11.36 -3.21
C LEU B 178 25.52 11.39 -2.67
N ASP B 179 25.62 11.45 -1.35
CA ASP B 179 26.89 11.12 -0.65
C ASP B 179 26.82 9.82 0.19
N THR B 180 25.62 9.28 0.40
CA THR B 180 25.43 8.10 1.24
C THR B 180 24.37 7.24 0.53
N LEU B 181 24.76 6.00 0.22
CA LEU B 181 23.90 5.09 -0.49
C LEU B 181 24.05 3.69 0.06
N SER B 182 22.94 3.07 0.42
CA SER B 182 22.94 1.67 0.75
C SER B 182 22.09 0.91 -0.25
N LEU B 183 22.66 -0.12 -0.83
CA LEU B 183 21.93 -1.09 -1.57
C LEU B 183 22.21 -2.47 -1.06
N GLU B 184 22.62 -2.61 0.19
CA GLU B 184 22.99 -3.92 0.72
C GLU B 184 21.83 -4.93 0.73
N ASP B 185 22.15 -6.25 0.62
CA ASP B 185 21.16 -7.29 0.68
C ASP B 185 20.01 -7.08 -0.35
N ASN B 186 20.46 -6.97 -1.57
CA ASN B 186 19.60 -6.93 -2.72
C ASN B 186 20.03 -8.03 -3.71
N GLN B 187 19.67 -7.92 -4.99
CA GLN B 187 20.01 -8.96 -5.99
C GLN B 187 20.79 -8.27 -7.16
N ILE B 188 21.70 -7.36 -6.84
CA ILE B 188 22.32 -6.50 -7.83
C ILE B 188 23.61 -7.14 -8.31
N SER B 189 23.79 -7.28 -9.62
CA SER B 189 25.10 -7.61 -10.19
C SER B 189 25.70 -6.47 -10.98
N ASP B 190 24.87 -5.62 -11.55
CA ASP B 190 25.37 -4.54 -12.35
C ASP B 190 25.42 -3.24 -11.54
N ILE B 191 26.63 -2.82 -11.15
CA ILE B 191 26.81 -1.54 -10.43
C ILE B 191 27.38 -0.42 -11.33
N VAL B 192 27.44 -0.67 -12.62
CA VAL B 192 27.94 0.36 -13.57
C VAL B 192 27.18 1.72 -13.46
N PRO B 193 25.87 1.72 -13.12
CA PRO B 193 25.21 3.06 -12.93
C PRO B 193 25.76 3.89 -11.79
N LEU B 194 26.58 3.32 -10.90
CA LEU B 194 27.21 4.08 -9.86
C LEU B 194 28.50 4.83 -10.32
N ALA B 195 29.03 4.48 -11.50
CA ALA B 195 30.40 4.86 -11.85
C ALA B 195 30.70 6.36 -11.86
N GLY B 196 29.71 7.14 -12.25
CA GLY B 196 29.83 8.63 -12.31
C GLY B 196 29.37 9.38 -11.07
N LEU B 197 28.98 8.67 -10.03
CA LEU B 197 28.49 9.28 -8.77
C LEU B 197 29.64 9.68 -7.84
N THR B 198 30.50 10.55 -8.36
CA THR B 198 31.76 10.89 -7.72
C THR B 198 31.59 11.58 -6.32
N LYS B 199 30.41 12.06 -5.98
CA LYS B 199 30.15 12.60 -4.66
C LYS B 199 30.00 11.50 -3.58
N LEU B 200 29.84 10.24 -3.98
CA LEU B 200 29.55 9.16 -3.02
C LEU B 200 30.71 9.04 -2.02
N GLN B 201 30.33 9.02 -0.75
CA GLN B 201 31.26 8.92 0.39
CA GLN B 201 31.25 8.91 0.37
C GLN B 201 31.07 7.61 1.12
N ASN B 202 29.82 7.18 1.28
CA ASN B 202 29.48 6.03 2.08
C ASN B 202 28.63 5.11 1.23
N LEU B 203 29.19 3.93 0.89
CA LEU B 203 28.53 3.05 -0.04
C LEU B 203 28.46 1.58 0.49
N TYR B 204 27.26 1.09 0.70
CA TYR B 204 26.99 -0.22 1.34
C TYR B 204 26.44 -1.13 0.26
N LEU B 205 27.23 -2.08 -0.18
CA LEU B 205 26.89 -3.02 -1.24
C LEU B 205 27.07 -4.51 -0.88
N SER B 206 27.25 -4.84 0.37
CA SER B 206 27.38 -6.26 0.78
C SER B 206 26.08 -7.02 0.44
N LYS B 207 26.23 -8.34 0.35
CA LYS B 207 25.12 -9.25 0.19
C LYS B 207 24.30 -8.87 -1.05
N ASN B 208 25.03 -8.65 -2.14
CA ASN B 208 24.40 -8.61 -3.47
C ASN B 208 24.94 -9.75 -4.35
N HIS B 209 24.96 -9.54 -5.66
CA HIS B 209 25.49 -10.54 -6.63
C HIS B 209 26.64 -9.95 -7.39
N ILE B 210 27.53 -9.22 -6.71
CA ILE B 210 28.54 -8.44 -7.39
C ILE B 210 29.80 -9.20 -7.59
N SER B 211 30.24 -9.37 -8.85
CA SER B 211 31.50 -10.06 -9.15
C SER B 211 32.54 -9.16 -9.85
N ASP B 212 32.19 -7.91 -10.15
CA ASP B 212 33.03 -7.02 -10.98
C ASP B 212 33.04 -5.68 -10.28
N LEU B 213 34.21 -5.21 -9.80
CA LEU B 213 34.31 -3.89 -9.18
C LEU B 213 34.72 -2.72 -10.06
N ARG B 214 34.84 -2.95 -11.34
CA ARG B 214 35.33 -1.93 -12.25
C ARG B 214 34.51 -0.65 -12.16
N ALA B 215 33.23 -0.79 -11.87
CA ALA B 215 32.31 0.37 -11.84
C ALA B 215 32.74 1.37 -10.77
N LEU B 216 33.48 0.90 -9.75
CA LEU B 216 33.87 1.75 -8.64
C LEU B 216 35.22 2.43 -8.78
N ALA B 217 35.94 2.17 -9.88
CA ALA B 217 37.32 2.67 -10.07
C ALA B 217 37.49 4.19 -9.98
N GLY B 218 36.52 4.99 -10.39
CA GLY B 218 36.63 6.42 -10.24
C GLY B 218 35.98 7.12 -9.03
N LEU B 219 35.57 6.38 -8.02
CA LEU B 219 34.89 6.98 -6.86
C LEU B 219 35.88 7.38 -5.75
N LYS B 220 36.58 8.46 -6.02
CA LYS B 220 37.73 8.87 -5.25
C LYS B 220 37.41 9.48 -3.89
N ASN B 221 36.13 9.76 -3.65
CA ASN B 221 35.70 10.38 -2.38
C ASN B 221 35.12 9.37 -1.41
N LEU B 222 35.24 8.10 -1.72
CA LEU B 222 34.71 7.07 -0.83
C LEU B 222 35.48 7.10 0.48
N ASP B 223 34.73 6.92 1.56
CA ASP B 223 35.26 6.90 2.90
C ASP B 223 34.84 5.62 3.60
N VAL B 224 33.62 5.16 3.34
CA VAL B 224 33.13 3.91 3.90
C VAL B 224 32.58 3.04 2.79
N LEU B 225 32.99 1.75 2.75
CA LEU B 225 32.66 0.92 1.64
C LEU B 225 32.52 -0.49 2.12
N GLU B 226 31.41 -1.14 1.77
CA GLU B 226 31.18 -2.52 2.17
C GLU B 226 30.86 -3.36 0.99
N LEU B 227 31.57 -4.46 0.87
CA LEU B 227 31.50 -5.25 -0.32
C LEU B 227 31.45 -6.77 -0.09
N PHE B 228 31.13 -7.21 1.12
CA PHE B 228 31.35 -8.64 1.48
C PHE B 228 30.09 -9.47 1.21
N SER B 229 30.26 -10.78 1.31
CA SER B 229 29.20 -11.75 1.21
C SER B 229 28.41 -11.60 -0.07
N GLN B 230 29.12 -11.43 -1.18
CA GLN B 230 28.39 -11.54 -2.46
C GLN B 230 28.01 -12.99 -2.74
N GLU B 231 26.92 -13.20 -3.47
CA GLU B 231 26.54 -14.54 -3.94
C GLU B 231 26.30 -14.40 -5.45
N CYS B 232 27.21 -14.97 -6.23
CA CYS B 232 27.18 -14.85 -7.67
C CYS B 232 26.81 -16.20 -8.24
N LEU B 233 25.80 -16.21 -9.09
CA LEU B 233 25.29 -17.48 -9.64
C LEU B 233 25.56 -17.52 -11.12
N ASN B 234 26.46 -18.42 -11.53
CA ASN B 234 26.73 -18.61 -12.97
C ASN B 234 25.52 -19.31 -13.61
N LYS B 235 25.32 -19.06 -14.90
CA LYS B 235 24.33 -19.79 -15.70
C LYS B 235 24.80 -21.26 -15.78
N PRO B 236 23.85 -22.22 -15.72
CA PRO B 236 24.27 -23.63 -15.64
C PRO B 236 25.08 -24.10 -16.84
N ILE B 237 25.97 -25.07 -16.61
CA ILE B 237 26.72 -25.71 -17.69
C ILE B 237 26.64 -27.22 -17.50
N ASN B 238 26.95 -27.96 -18.56
CA ASN B 238 26.97 -29.41 -18.50
C ASN B 238 28.00 -29.94 -17.54
N HIS B 239 27.56 -30.87 -16.68
CA HIS B 239 28.47 -31.67 -15.88
C HIS B 239 29.41 -32.42 -16.78
N GLN B 240 30.69 -32.41 -16.41
CA GLN B 240 31.71 -33.21 -17.04
C GLN B 240 32.64 -33.72 -15.94
N SER B 241 33.46 -34.70 -16.28
CA SER B 241 34.48 -35.23 -15.37
C SER B 241 35.57 -34.21 -15.15
N ASN B 242 35.90 -33.47 -16.20
CA ASN B 242 36.90 -32.42 -16.10
C ASN B 242 36.28 -31.07 -16.44
N LEU B 243 36.01 -30.31 -15.41
CA LEU B 243 35.28 -29.06 -15.53
C LEU B 243 36.28 -27.91 -15.56
N VAL B 244 36.06 -26.98 -16.48
CA VAL B 244 36.81 -25.72 -16.54
C VAL B 244 35.81 -24.54 -16.55
N VAL B 245 35.93 -23.62 -15.58
CA VAL B 245 35.02 -22.47 -15.46
C VAL B 245 35.88 -21.20 -15.39
N PRO B 246 35.67 -20.24 -16.31
CA PRO B 246 36.41 -18.99 -16.24
C PRO B 246 36.17 -18.26 -14.94
N ASN B 247 37.23 -17.67 -14.38
CA ASN B 247 37.10 -16.88 -13.16
C ASN B 247 36.66 -15.53 -13.68
N THR B 248 35.55 -15.03 -13.16
CA THR B 248 34.97 -13.79 -13.67
C THR B 248 35.01 -12.67 -12.61
N VAL B 249 35.69 -12.93 -11.49
CA VAL B 249 35.71 -12.01 -10.39
C VAL B 249 36.81 -10.99 -10.64
N LYS B 250 36.43 -9.73 -10.67
CA LYS B 250 37.31 -8.65 -11.07
C LYS B 250 37.43 -7.53 -10.08
N ASN B 251 38.67 -7.11 -9.89
CA ASN B 251 38.98 -5.99 -9.04
C ASN B 251 38.65 -4.66 -9.66
N THR B 252 38.90 -3.60 -8.91
CA THR B 252 38.57 -2.23 -9.45
C THR B 252 39.37 -1.89 -10.68
N ASP B 253 40.59 -2.45 -10.80
CA ASP B 253 41.43 -2.24 -11.97
C ASP B 253 41.23 -3.31 -13.06
N GLY B 254 40.22 -4.14 -12.92
CA GLY B 254 39.89 -5.14 -13.92
C GLY B 254 40.69 -6.41 -13.87
N SER B 255 41.68 -6.48 -12.96
CA SER B 255 42.45 -7.70 -12.79
C SER B 255 41.63 -8.76 -12.07
N LEU B 256 41.93 -10.03 -12.34
CA LEU B 256 41.15 -11.11 -11.82
C LEU B 256 41.52 -11.30 -10.37
N VAL B 257 40.52 -11.59 -9.55
CA VAL B 257 40.74 -11.90 -8.12
C VAL B 257 40.95 -13.42 -8.00
N THR B 258 42.09 -13.82 -7.48
CA THR B 258 42.39 -15.23 -7.30
C THR B 258 41.48 -15.83 -6.26
N PRO B 259 40.87 -17.00 -6.57
CA PRO B 259 40.04 -17.65 -5.57
C PRO B 259 40.76 -17.94 -4.29
N GLU B 260 40.03 -17.88 -3.21
CA GLU B 260 40.57 -18.21 -1.89
C GLU B 260 40.43 -19.67 -1.62
N ILE B 261 39.23 -20.22 -1.80
CA ILE B 261 38.98 -21.62 -1.60
CA ILE B 261 38.97 -21.64 -1.61
C ILE B 261 38.03 -22.13 -2.70
N ILE B 262 38.35 -23.30 -3.22
CA ILE B 262 37.59 -23.87 -4.32
C ILE B 262 36.99 -25.17 -3.83
N SER B 263 35.72 -25.37 -4.10
CA SER B 263 35.03 -26.59 -3.65
C SER B 263 35.61 -27.83 -4.31
N ASP B 264 35.21 -28.97 -3.76
CA ASP B 264 35.46 -30.26 -4.35
C ASP B 264 36.92 -30.43 -4.82
N ASP B 265 37.87 -29.98 -4.01
CA ASP B 265 39.30 -30.12 -4.26
CA ASP B 265 39.29 -30.22 -4.32
C ASP B 265 39.75 -29.61 -5.65
N GLY B 266 38.94 -28.72 -6.22
CA GLY B 266 39.32 -28.01 -7.43
C GLY B 266 40.57 -27.15 -7.26
N ASP B 267 41.14 -26.66 -8.36
CA ASP B 267 42.26 -25.72 -8.28
C ASP B 267 42.18 -24.65 -9.37
N TYR B 268 43.06 -23.65 -9.26
CA TYR B 268 43.05 -22.49 -10.11
C TYR B 268 44.25 -22.57 -11.04
N GLU B 269 43.98 -22.50 -12.34
CA GLU B 269 45.02 -22.23 -13.31
C GLU B 269 44.58 -21.01 -14.12
N LYS B 270 45.13 -19.86 -13.74
CA LYS B 270 44.63 -18.57 -14.20
C LYS B 270 44.52 -18.61 -15.72
N PRO B 271 43.38 -18.21 -16.31
CA PRO B 271 42.18 -17.55 -15.72
C PRO B 271 41.04 -18.48 -15.31
N ASN B 272 41.33 -19.77 -15.22
CA ASN B 272 40.29 -20.77 -15.06
C ASN B 272 40.37 -21.52 -13.74
N VAL B 273 39.21 -21.87 -13.21
CA VAL B 273 39.06 -22.78 -12.11
C VAL B 273 38.74 -24.16 -12.70
N LYS B 274 39.43 -25.19 -12.22
CA LYS B 274 39.28 -26.54 -12.76
C LYS B 274 39.00 -27.57 -11.67
N TRP B 275 38.13 -28.52 -12.01
CA TRP B 275 37.80 -29.65 -11.15
C TRP B 275 37.98 -30.93 -11.88
N HIS B 276 38.26 -31.99 -11.13
CA HIS B 276 38.05 -33.35 -11.59
C HIS B 276 36.87 -33.93 -10.83
N LEU B 277 35.73 -34.08 -11.51
CA LEU B 277 34.47 -34.57 -10.91
C LEU B 277 34.01 -35.95 -11.45
N PRO B 278 34.64 -37.03 -10.97
CA PRO B 278 33.96 -38.32 -11.16
C PRO B 278 32.67 -38.27 -10.34
N GLU B 279 31.61 -38.90 -10.87
CA GLU B 279 30.25 -38.79 -10.34
C GLU B 279 29.63 -37.41 -10.65
N PHE B 280 28.40 -37.44 -11.17
CA PHE B 280 27.62 -36.23 -11.33
C PHE B 280 27.51 -35.51 -9.98
N THR B 281 27.91 -34.25 -9.95
CA THR B 281 27.56 -33.39 -8.85
C THR B 281 26.79 -32.26 -9.46
N ASN B 282 25.76 -31.81 -8.75
CA ASN B 282 24.86 -30.82 -9.27
C ASN B 282 25.44 -29.39 -9.26
N GLU B 283 26.56 -29.18 -8.56
CA GLU B 283 27.08 -27.84 -8.38
C GLU B 283 28.52 -27.82 -7.82
N VAL B 284 29.33 -26.90 -8.33
CA VAL B 284 30.61 -26.55 -7.72
C VAL B 284 30.66 -25.05 -7.43
N SER B 285 31.59 -24.66 -6.57
CA SER B 285 31.71 -23.28 -6.13
C SER B 285 33.10 -22.87 -5.71
N PHE B 286 33.29 -21.56 -5.54
CA PHE B 286 34.51 -21.05 -4.98
C PHE B 286 34.23 -19.77 -4.24
N ILE B 287 35.06 -19.52 -3.25
CA ILE B 287 34.99 -18.31 -2.42
C ILE B 287 36.17 -17.45 -2.76
N PHE B 288 35.94 -16.17 -2.74
CA PHE B 288 36.99 -15.13 -2.88
C PHE B 288 36.93 -14.16 -1.75
N TYR B 289 38.11 -13.58 -1.48
CA TYR B 289 38.35 -12.67 -0.42
C TYR B 289 39.52 -11.79 -0.79
N GLN B 290 39.25 -10.51 -1.00
CA GLN B 290 40.24 -9.59 -1.48
C GLN B 290 40.06 -8.24 -0.81
N PRO B 291 40.98 -7.90 0.10
CA PRO B 291 41.03 -6.49 0.54
C PRO B 291 41.20 -5.51 -0.65
N VAL B 292 40.41 -4.43 -0.68
CA VAL B 292 40.57 -3.42 -1.71
C VAL B 292 40.57 -2.01 -1.06
N THR B 293 41.17 -1.05 -1.74
CA THR B 293 41.14 0.35 -1.30
C THR B 293 40.68 1.17 -2.47
N ILE B 294 39.72 2.07 -2.21
CA ILE B 294 39.21 3.03 -3.18
C ILE B 294 39.11 4.36 -2.46
N GLY B 295 39.92 5.29 -2.87
CA GLY B 295 40.17 6.49 -2.10
C GLY B 295 40.66 6.17 -0.71
N LYS B 296 39.97 6.73 0.29
CA LYS B 296 40.30 6.49 1.69
C LYS B 296 39.62 5.27 2.23
N ALA B 297 38.72 4.68 1.44
CA ALA B 297 37.87 3.59 1.87
C ALA B 297 38.58 2.24 1.71
N LYS B 298 38.67 1.48 2.80
CA LYS B 298 39.21 0.12 2.78
C LYS B 298 38.03 -0.84 2.91
N ALA B 299 37.95 -1.85 2.07
CA ALA B 299 36.83 -2.79 2.17
C ALA B 299 37.38 -4.18 1.90
N ARG B 300 36.60 -5.19 2.23
CA ARG B 300 36.90 -6.61 1.88
C ARG B 300 35.88 -7.11 0.88
N PHE B 301 36.37 -7.32 -0.35
CA PHE B 301 35.53 -7.78 -1.45
C PHE B 301 35.56 -9.30 -1.33
N HIS B 302 34.39 -9.87 -1.13
CA HIS B 302 34.29 -11.25 -0.72
C HIS B 302 32.97 -11.83 -1.11
N GLY B 303 32.97 -13.12 -1.42
CA GLY B 303 31.76 -13.76 -1.77
C GLY B 303 32.02 -15.13 -2.32
N ARG B 304 30.97 -15.71 -2.89
CA ARG B 304 31.03 -17.05 -3.47
C ARG B 304 30.45 -17.01 -4.88
N VAL B 305 31.15 -17.70 -5.81
CA VAL B 305 30.63 -17.95 -7.13
C VAL B 305 30.19 -19.38 -7.17
N THR B 306 28.94 -19.60 -7.50
CA THR B 306 28.37 -20.96 -7.60
C THR B 306 28.11 -21.29 -9.07
N GLN B 307 28.52 -22.51 -9.46
CA GLN B 307 28.31 -23.05 -10.81
C GLN B 307 27.34 -24.22 -10.71
N PRO B 308 26.08 -24.05 -11.17
CA PRO B 308 25.19 -25.19 -11.32
C PRO B 308 25.64 -26.05 -12.48
N LEU B 309 25.42 -27.36 -12.37
CA LEU B 309 25.84 -28.29 -13.39
C LEU B 309 24.63 -29.11 -13.84
N LYS B 310 24.43 -29.27 -15.15
CA LYS B 310 23.23 -29.97 -15.65
C LYS B 310 23.36 -31.51 -15.76
N GLU C 4 36.32 2.73 30.33
CA GLU C 4 37.35 2.77 29.26
C GLU C 4 37.59 4.18 28.72
N THR C 5 38.86 4.54 28.55
CA THR C 5 39.24 5.81 27.93
C THR C 5 40.31 5.58 26.85
N ILE C 6 40.30 6.39 25.80
CA ILE C 6 41.43 6.34 24.88
C ILE C 6 42.41 7.41 25.39
N THR C 7 43.70 7.17 25.31
CA THR C 7 44.68 8.13 25.89
C THR C 7 45.57 8.83 24.84
N VAL C 8 45.52 8.38 23.58
CA VAL C 8 46.22 9.00 22.48
C VAL C 8 45.13 9.28 21.43
N PRO C 9 45.29 10.35 20.64
CA PRO C 9 44.37 10.54 19.53
C PRO C 9 44.35 9.31 18.63
N THR C 10 43.15 8.86 18.25
CA THR C 10 42.98 7.58 17.53
C THR C 10 41.95 7.77 16.39
N PRO C 11 42.26 7.29 15.18
CA PRO C 11 41.24 7.33 14.14
C PRO C 11 39.93 6.69 14.59
N ILE C 12 38.85 7.33 14.21
CA ILE C 12 37.51 6.90 14.59
C ILE C 12 37.35 5.41 14.23
N LYS C 13 37.79 5.00 13.06
CA LYS C 13 37.55 3.61 12.59
C LYS C 13 38.32 2.56 13.38
N GLN C 14 39.36 2.95 14.13
CA GLN C 14 40.08 1.96 14.92
CA GLN C 14 40.13 2.03 14.97
C GLN C 14 39.37 1.70 16.23
N ILE C 15 38.57 2.66 16.69
CA ILE C 15 37.78 2.53 17.91
C ILE C 15 36.42 1.97 17.62
N PHE C 16 35.75 2.51 16.59
CA PHE C 16 34.41 2.07 16.24
C PHE C 16 34.49 1.20 15.03
N SER C 17 34.56 -0.11 15.26
CA SER C 17 35.03 -1.00 14.21
C SER C 17 34.01 -1.31 13.10
N ASP C 18 32.75 -1.10 13.37
CA ASP C 18 31.71 -1.16 12.33
C ASP C 18 31.78 0.14 11.52
N ASP C 19 32.11 0.06 10.23
N ASP C 19 32.02 0.01 10.21
CA ASP C 19 32.22 1.31 9.44
CA ASP C 19 32.03 1.16 9.27
C ASP C 19 30.91 2.17 9.43
C ASP C 19 30.89 2.14 9.47
N ALA C 20 29.69 1.59 9.52
CA ALA C 20 28.50 2.37 9.62
C ALA C 20 28.42 3.13 10.94
N PHE C 21 28.83 2.53 12.04
CA PHE C 21 28.81 3.23 13.34
C PHE C 21 29.91 4.27 13.36
N ALA C 22 31.04 3.95 12.79
CA ALA C 22 32.14 4.93 12.61
C ALA C 22 31.63 6.20 11.89
N GLU C 23 30.81 6.01 10.86
CA GLU C 23 30.26 7.12 10.11
CA GLU C 23 30.24 7.11 10.12
C GLU C 23 29.32 7.93 11.00
N THR C 24 28.53 7.23 11.81
CA THR C 24 27.67 7.92 12.82
C THR C 24 28.50 8.83 13.76
N ILE C 25 29.59 8.30 14.28
CA ILE C 25 30.42 9.09 15.23
C ILE C 25 31.08 10.30 14.52
N LYS C 26 31.66 10.05 13.34
CA LYS C 26 32.18 11.06 12.48
C LYS C 26 31.15 12.20 12.27
N ASP C 27 29.92 11.84 11.90
CA ASP C 27 28.85 12.83 11.65
C ASP C 27 28.52 13.54 12.94
N ASN C 28 28.42 12.80 14.04
CA ASN C 28 28.06 13.40 15.33
C ASN C 28 29.11 14.46 15.73
N LEU C 29 30.38 14.15 15.55
CA LEU C 29 31.47 15.06 15.88
C LEU C 29 31.80 16.02 14.76
N LYS C 30 31.03 15.99 13.69
CA LYS C 30 31.27 16.83 12.51
C LYS C 30 32.69 16.72 11.99
N LYS C 31 33.20 15.49 11.89
CA LYS C 31 34.50 15.25 11.31
C LYS C 31 34.34 15.00 9.80
N LYS C 32 35.43 14.86 9.07
CA LYS C 32 35.36 14.76 7.61
C LYS C 32 35.45 13.33 7.13
N SER C 33 36.01 12.44 7.97
CA SER C 33 36.34 11.07 7.56
C SER C 33 36.36 10.19 8.78
N VAL C 34 36.00 8.91 8.58
CA VAL C 34 36.14 7.93 9.63
C VAL C 34 37.59 7.62 9.91
N THR C 35 38.50 8.12 9.09
CA THR C 35 39.93 8.02 9.41
C THR C 35 40.42 9.19 10.29
N ASP C 36 39.61 10.21 10.52
CA ASP C 36 40.01 11.33 11.37
C ASP C 36 40.19 10.90 12.82
N ALA C 37 41.21 11.46 13.44
CA ALA C 37 41.53 11.13 14.84
C ALA C 37 40.55 11.80 15.78
N VAL C 38 40.23 11.11 16.86
CA VAL C 38 39.51 11.73 17.96
C VAL C 38 40.28 11.49 19.26
N THR C 39 40.04 12.38 20.20
CA THR C 39 40.54 12.24 21.58
C THR C 39 39.41 11.83 22.49
N GLN C 40 39.74 11.37 23.72
CA GLN C 40 38.73 11.10 24.71
C GLN C 40 37.90 12.33 25.02
N ASN C 41 38.53 13.50 25.06
CA ASN C 41 37.80 14.73 25.29
C ASN C 41 36.71 14.99 24.23
N GLU C 42 36.99 14.73 22.96
CA GLU C 42 35.97 14.83 21.92
C GLU C 42 34.83 13.83 22.16
N LEU C 43 35.16 12.57 22.48
CA LEU C 43 34.14 11.53 22.77
C LEU C 43 33.29 11.88 24.01
N ASN C 44 33.88 12.55 24.99
CA ASN C 44 33.18 12.96 26.21
C ASN C 44 32.12 13.98 25.95
N SER C 45 32.25 14.66 24.81
CA SER C 45 31.28 15.64 24.40
C SER C 45 29.98 15.00 23.88
N ILE C 46 30.00 13.70 23.58
CA ILE C 46 28.80 13.06 23.03
C ILE C 46 27.78 12.70 24.10
N ASP C 47 26.65 13.42 24.12
CA ASP C 47 25.55 13.18 25.09
C ASP C 47 24.36 12.45 24.42
N GLN C 48 24.24 12.58 23.10
CA GLN C 48 23.15 11.98 22.39
C GLN C 48 23.64 11.47 21.04
N ILE C 49 23.20 10.27 20.69
CA ILE C 49 23.41 9.70 19.36
C ILE C 49 22.05 9.45 18.71
N ILE C 50 21.88 10.00 17.51
CA ILE C 50 20.72 9.72 16.69
C ILE C 50 21.26 8.96 15.48
N ALA C 51 21.06 7.66 15.47
CA ALA C 51 21.64 6.78 14.46
C ALA C 51 20.57 5.80 13.90
N ASN C 52 19.31 6.22 13.83
CA ASN C 52 18.28 5.41 13.17
C ASN C 52 18.66 5.18 11.73
N ASN C 53 18.24 4.05 11.17
CA ASN C 53 18.19 3.91 9.71
C ASN C 53 19.57 4.08 9.11
N SER C 54 20.59 3.46 9.68
CA SER C 54 21.96 3.65 9.27
C SER C 54 22.77 2.38 8.90
N ASP C 55 22.14 1.23 8.75
CA ASP C 55 22.79 -0.06 8.52
C ASP C 55 23.90 -0.42 9.50
N ILE C 56 23.73 -0.05 10.74
CA ILE C 56 24.74 -0.33 11.79
C ILE C 56 24.62 -1.78 12.17
N LYS C 57 25.75 -2.43 12.21
CA LYS C 57 25.82 -3.85 12.56
C LYS C 57 26.46 -4.14 13.96
N SER C 58 27.22 -3.22 14.49
CA SER C 58 27.86 -3.37 15.82
C SER C 58 28.11 -1.99 16.39
N VAL C 59 27.95 -1.84 17.71
CA VAL C 59 28.27 -0.58 18.38
C VAL C 59 29.54 -0.71 19.23
N GLN C 60 30.38 -1.70 18.90
CA GLN C 60 31.73 -1.76 19.48
C GLN C 60 32.40 -0.36 19.36
N GLY C 61 33.01 0.06 20.45
CA GLY C 61 33.55 1.39 20.59
C GLY C 61 32.69 2.34 21.40
N ILE C 62 31.40 2.09 21.48
CA ILE C 62 30.51 2.98 22.23
C ILE C 62 30.83 3.04 23.70
N GLN C 63 31.56 2.04 24.19
CA GLN C 63 31.97 2.08 25.59
C GLN C 63 32.84 3.29 25.98
N TYR C 64 33.34 4.04 24.98
CA TYR C 64 34.19 5.20 25.21
C TYR C 64 33.38 6.51 25.23
N LEU C 65 32.07 6.39 25.28
CA LEU C 65 31.18 7.51 25.40
C LEU C 65 30.52 7.59 26.78
N PRO C 66 31.26 8.01 27.83
CA PRO C 66 30.71 7.97 29.20
C PRO C 66 29.52 8.89 29.43
N ASN C 67 29.37 9.91 28.61
CA ASN C 67 28.35 10.93 28.88
C ASN C 67 27.09 10.73 28.05
N LEU C 68 27.05 9.63 27.32
CA LEU C 68 25.92 9.35 26.47
C LEU C 68 24.71 9.11 27.34
N THR C 69 23.64 9.88 27.12
CA THR C 69 22.40 9.67 27.86
C THR C 69 21.24 9.15 27.00
N SER C 70 21.22 9.46 25.70
CA SER C 70 20.15 9.09 24.81
C SER C 70 20.74 8.45 23.55
N LEU C 71 20.29 7.23 23.26
CA LEU C 71 20.90 6.42 22.24
C LEU C 71 19.80 5.86 21.38
N ASN C 72 19.70 6.39 20.16
CA ASN C 72 18.72 5.93 19.19
C ASN C 72 19.45 5.15 18.13
N LEU C 73 19.27 3.86 18.17
CA LEU C 73 19.75 2.91 17.20
C LEU C 73 18.60 2.13 16.48
N SER C 74 17.46 2.80 16.30
CA SER C 74 16.26 2.18 15.68
C SER C 74 16.59 1.78 14.27
N ASN C 75 16.13 0.57 13.87
CA ASN C 75 16.15 0.15 12.47
C ASN C 75 17.56 0.14 11.94
N ASN C 76 18.36 -0.73 12.57
CA ASN C 76 19.68 -1.11 12.14
C ASN C 76 19.70 -2.65 12.11
N GLN C 77 20.85 -3.25 12.24
CA GLN C 77 20.99 -4.68 12.14
C GLN C 77 21.86 -5.17 13.28
N ILE C 78 21.71 -4.58 14.44
CA ILE C 78 22.54 -4.94 15.58
C ILE C 78 22.16 -6.25 16.25
N THR C 79 23.17 -7.08 16.54
CA THR C 79 23.02 -8.41 17.10
C THR C 79 23.51 -8.55 18.57
N ASP C 80 24.30 -7.59 19.02
CA ASP C 80 24.93 -7.65 20.34
C ASP C 80 24.98 -6.24 20.90
N ILE C 81 24.42 -6.06 22.09
CA ILE C 81 24.51 -4.74 22.72
C ILE C 81 25.40 -4.74 24.00
N SER C 82 26.32 -5.69 24.10
CA SER C 82 27.22 -5.74 25.26
C SER C 82 28.07 -4.48 25.46
N PRO C 83 28.51 -3.82 24.36
CA PRO C 83 29.26 -2.62 24.61
C PRO C 83 28.52 -1.47 25.32
N ILE C 84 27.21 -1.51 25.38
CA ILE C 84 26.39 -0.49 26.06
C ILE C 84 26.41 -0.69 27.61
N GLN C 85 26.84 -1.85 28.07
CA GLN C 85 26.58 -2.23 29.45
C GLN C 85 27.35 -1.37 30.47
N TYR C 86 28.46 -0.81 30.00
N TYR C 86 28.51 -0.85 30.12
CA TYR C 86 29.36 0.05 30.74
CA TYR C 86 29.15 0.11 31.02
C TYR C 86 28.88 1.48 30.85
C TYR C 86 29.07 1.47 30.36
N LEU C 87 27.83 1.85 30.11
CA LEU C 87 27.42 3.25 30.01
C LEU C 87 26.35 3.62 31.03
N PRO C 88 26.78 4.15 32.16
CA PRO C 88 25.87 4.23 33.29
C PRO C 88 24.88 5.40 33.21
N ASN C 89 25.15 6.39 32.36
CA ASN C 89 24.29 7.55 32.19
C ASN C 89 23.18 7.43 31.14
N VAL C 90 23.11 6.29 30.48
CA VAL C 90 22.05 6.09 29.47
C VAL C 90 20.68 6.00 30.12
N THR C 91 19.77 6.88 29.75
CA THR C 91 18.46 6.83 30.26
C THR C 91 17.40 6.52 29.21
N LYS C 92 17.75 6.71 27.94
CA LYS C 92 16.78 6.50 26.83
C LYS C 92 17.49 5.69 25.75
N LEU C 93 16.86 4.58 25.42
CA LEU C 93 17.45 3.57 24.57
C LEU C 93 16.37 3.11 23.57
N PHE C 94 16.60 3.49 22.32
CA PHE C 94 15.73 3.12 21.20
C PHE C 94 16.44 2.06 20.38
N LEU C 95 15.99 0.82 20.55
CA LEU C 95 16.59 -0.36 19.89
C LEU C 95 15.57 -1.11 19.00
N ASN C 96 14.50 -0.43 18.61
CA ASN C 96 13.43 -1.01 17.74
C ASN C 96 14.02 -1.44 16.44
N GLY C 97 13.69 -2.64 15.95
CA GLY C 97 14.09 -3.06 14.61
C GLY C 97 15.59 -3.34 14.50
N ASN C 98 16.08 -4.19 15.39
CA ASN C 98 17.39 -4.71 15.29
C ASN C 98 17.31 -6.24 15.27
N LYS C 99 18.41 -6.93 15.58
CA LYS C 99 18.45 -8.40 15.51
C LYS C 99 18.88 -8.93 16.86
N LEU C 100 18.35 -8.34 17.92
CA LEU C 100 18.83 -8.70 19.27
C LEU C 100 18.13 -9.94 19.76
N THR C 101 18.87 -10.77 20.51
CA THR C 101 18.33 -11.92 21.18
C THR C 101 18.61 -11.87 22.69
N ASP C 102 19.82 -11.47 23.05
CA ASP C 102 20.29 -11.40 24.45
C ASP C 102 20.24 -9.96 24.94
N ILE C 103 19.48 -9.68 26.01
CA ILE C 103 19.56 -8.36 26.57
C ILE C 103 20.18 -8.35 27.98
N LYS C 104 20.97 -9.37 28.31
CA LYS C 104 21.64 -9.44 29.61
C LYS C 104 22.51 -8.19 29.89
N PRO C 105 23.24 -7.68 28.90
CA PRO C 105 24.00 -6.45 29.15
C PRO C 105 23.21 -5.23 29.63
N LEU C 106 21.90 -5.16 29.43
CA LEU C 106 21.12 -4.02 29.89
C LEU C 106 20.87 -4.06 31.42
N ALA C 107 21.10 -5.20 32.03
CA ALA C 107 20.91 -5.34 33.49
C ALA C 107 21.70 -4.29 34.26
N ASN C 108 22.81 -3.85 33.69
CA ASN C 108 23.73 -2.92 34.37
C ASN C 108 23.33 -1.45 34.27
N LEU C 109 22.35 -1.14 33.42
CA LEU C 109 21.97 0.24 33.12
C LEU C 109 20.95 0.72 34.13
N LYS C 110 21.51 0.98 35.32
CA LYS C 110 20.69 1.33 36.47
CA LYS C 110 20.81 1.45 36.52
C LYS C 110 19.86 2.60 36.28
N ASN C 111 20.26 3.49 35.37
CA ASN C 111 19.49 4.69 35.16
C ASN C 111 18.56 4.65 33.96
N LEU C 112 18.40 3.47 33.37
CA LEU C 112 17.55 3.36 32.21
C LEU C 112 16.12 3.71 32.55
N GLY C 113 15.54 4.62 31.76
CA GLY C 113 14.20 5.11 31.99
C GLY C 113 13.20 4.68 30.91
N TRP C 114 13.63 4.72 29.66
CA TRP C 114 12.81 4.36 28.50
CA TRP C 114 12.82 4.37 28.52
C TRP C 114 13.58 3.36 27.68
N LEU C 115 12.94 2.22 27.35
CA LEU C 115 13.59 1.15 26.61
C LEU C 115 12.63 0.60 25.55
N PHE C 116 13.01 0.74 24.29
CA PHE C 116 12.17 0.40 23.17
C PHE C 116 12.86 -0.69 22.34
N LEU C 117 12.24 -1.86 22.32
CA LEU C 117 12.84 -3.10 21.79
C LEU C 117 11.92 -3.87 20.91
N ASP C 118 10.96 -3.19 20.31
CA ASP C 118 10.07 -3.82 19.38
C ASP C 118 10.85 -4.39 18.19
N GLU C 119 10.29 -5.43 17.58
CA GLU C 119 10.87 -6.05 16.40
C GLU C 119 12.31 -6.46 16.62
N ASN C 120 12.52 -7.25 17.66
CA ASN C 120 13.74 -7.99 17.88
C ASN C 120 13.32 -9.44 18.14
N LYS C 121 14.19 -10.27 18.71
CA LYS C 121 13.85 -11.63 19.07
C LYS C 121 14.26 -11.89 20.53
N VAL C 122 13.97 -10.93 21.40
CA VAL C 122 14.27 -11.07 22.80
C VAL C 122 13.16 -11.92 23.41
N LYS C 123 13.49 -13.08 23.95
CA LYS C 123 12.49 -13.94 24.55
C LYS C 123 12.59 -14.13 26.06
N ASP C 124 13.65 -13.61 26.67
CA ASP C 124 13.88 -13.72 28.12
C ASP C 124 14.08 -12.33 28.70
N LEU C 125 13.27 -11.99 29.69
CA LEU C 125 13.23 -10.64 30.23
C LEU C 125 13.75 -10.58 31.69
N SER C 126 14.24 -11.67 32.21
CA SER C 126 14.78 -11.65 33.61
C SER C 126 15.92 -10.64 33.76
N SER C 127 16.63 -10.37 32.67
CA SER C 127 17.66 -9.33 32.65
C SER C 127 17.19 -7.90 32.95
N LEU C 128 15.89 -7.64 32.91
CA LEU C 128 15.37 -6.30 33.23
C LEU C 128 15.00 -6.10 34.71
N LYS C 129 15.22 -7.13 35.55
CA LYS C 129 14.78 -7.04 36.94
C LYS C 129 15.54 -5.96 37.75
N ASP C 130 16.79 -5.67 37.42
CA ASP C 130 17.56 -4.68 38.22
C ASP C 130 16.98 -3.25 38.16
N LEU C 131 16.15 -2.96 37.16
CA LEU C 131 16.06 -1.60 36.65
C LEU C 131 15.00 -0.76 37.33
N LYS C 132 15.41 -0.07 38.39
CA LYS C 132 14.44 0.56 39.29
C LYS C 132 13.99 1.93 38.85
N LYS C 133 14.59 2.50 37.80
CA LYS C 133 14.08 3.75 37.23
C LYS C 133 13.36 3.58 35.89
N LEU C 134 13.17 2.33 35.46
CA LEU C 134 12.53 2.05 34.16
C LEU C 134 11.05 2.37 34.27
N LYS C 135 10.60 3.29 33.42
CA LYS C 135 9.23 3.77 33.46
C LYS C 135 8.44 3.39 32.21
N SER C 136 9.14 3.18 31.08
CA SER C 136 8.49 2.84 29.83
C SER C 136 9.29 1.72 29.11
N LEU C 137 8.60 0.64 28.79
CA LEU C 137 9.17 -0.53 28.13
C LEU C 137 8.26 -0.90 26.94
N SER C 138 8.84 -1.08 25.78
CA SER C 138 8.11 -1.62 24.63
C SER C 138 8.88 -2.83 24.10
N LEU C 139 8.15 -3.94 23.98
CA LEU C 139 8.70 -5.22 23.57
C LEU C 139 7.74 -5.92 22.62
N GLU C 140 7.08 -5.17 21.75
CA GLU C 140 6.19 -5.77 20.78
C GLU C 140 6.98 -6.57 19.71
N HIS C 141 6.36 -7.61 19.17
CA HIS C 141 6.92 -8.32 18.01
C HIS C 141 8.31 -8.87 18.33
N ASN C 142 8.44 -9.56 19.46
CA ASN C 142 9.64 -10.28 19.85
C ASN C 142 9.49 -11.81 19.94
N GLY C 143 8.31 -12.35 19.63
CA GLY C 143 8.06 -13.77 19.80
C GLY C 143 8.04 -14.24 21.24
N ILE C 144 7.76 -13.31 22.17
CA ILE C 144 7.87 -13.60 23.60
C ILE C 144 6.66 -14.41 24.09
N SER C 145 6.92 -15.43 24.92
CA SER C 145 5.87 -16.15 25.66
C SER C 145 6.03 -15.98 27.18
N ASP C 146 7.24 -16.01 27.69
CA ASP C 146 7.51 -15.98 29.12
C ASP C 146 7.88 -14.57 29.54
N ILE C 147 6.98 -13.90 30.25
CA ILE C 147 7.22 -12.58 30.77
C ILE C 147 7.41 -12.54 32.28
N ASN C 148 7.77 -13.70 32.85
CA ASN C 148 7.91 -13.83 34.29
C ASN C 148 9.03 -12.93 34.89
N GLY C 149 9.97 -12.51 34.06
CA GLY C 149 11.09 -11.67 34.53
C GLY C 149 10.69 -10.21 34.80
N LEU C 150 9.51 -9.81 34.32
CA LEU C 150 8.99 -8.48 34.60
C LEU C 150 8.51 -8.35 36.05
N VAL C 151 8.74 -9.37 36.85
CA VAL C 151 8.47 -9.34 38.30
C VAL C 151 9.06 -8.11 39.02
N HIS C 152 10.29 -7.75 38.70
CA HIS C 152 10.99 -6.79 39.55
C HIS C 152 11.20 -5.45 38.95
N LEU C 153 10.27 -5.11 38.06
CA LEU C 153 10.10 -3.74 37.60
C LEU C 153 8.76 -3.35 38.09
N PRO C 154 8.55 -3.43 39.42
CA PRO C 154 7.21 -3.04 39.84
C PRO C 154 6.87 -1.54 39.62
N GLN C 155 7.87 -0.70 39.30
N GLN C 155 7.83 -0.71 39.19
CA GLN C 155 7.67 0.76 39.09
CA GLN C 155 7.59 0.75 39.08
C GLN C 155 7.47 1.21 37.63
C GLN C 155 7.44 1.21 37.60
N LEU C 156 7.31 0.26 36.71
CA LEU C 156 6.97 0.57 35.35
C LEU C 156 5.66 1.34 35.29
N GLU C 157 5.56 2.34 34.42
CA GLU C 157 4.27 3.07 34.16
C GLU C 157 3.61 2.73 32.81
N SER C 158 4.42 2.32 31.82
CA SER C 158 3.95 2.07 30.49
C SER C 158 4.64 0.80 29.96
N LEU C 159 3.86 -0.15 29.49
CA LEU C 159 4.37 -1.45 29.02
C LEU C 159 3.58 -1.93 27.80
N TYR C 160 4.27 -2.03 26.68
CA TYR C 160 3.68 -2.50 25.43
C TYR C 160 4.30 -3.91 25.13
N LEU C 161 3.40 -4.90 25.12
CA LEU C 161 3.74 -6.27 24.84
C LEU C 161 2.86 -6.84 23.72
N GLY C 162 2.28 -5.99 22.92
CA GLY C 162 1.44 -6.44 21.79
C GLY C 162 2.21 -7.30 20.77
N ASN C 163 1.47 -8.16 20.10
CA ASN C 163 2.04 -8.94 18.99
C ASN C 163 3.15 -9.84 19.46
N ASN C 164 2.82 -10.66 20.46
CA ASN C 164 3.70 -11.69 20.93
C ASN C 164 2.95 -13.01 21.04
N LYS C 165 3.46 -13.95 21.86
CA LYS C 165 2.87 -15.24 22.00
C LYS C 165 2.54 -15.48 23.46
N ILE C 166 2.01 -14.47 24.14
CA ILE C 166 1.80 -14.55 25.54
C ILE C 166 0.49 -15.19 25.88
N THR C 167 0.51 -16.12 26.84
CA THR C 167 -0.74 -16.68 27.43
C THR C 167 -0.88 -16.34 28.89
N ASP C 168 0.24 -16.29 29.61
CA ASP C 168 0.22 -16.22 31.06
C ASP C 168 0.70 -14.85 31.53
N ILE C 169 -0.20 -14.09 32.08
CA ILE C 169 0.09 -12.71 32.51
C ILE C 169 0.05 -12.60 34.05
N THR C 170 0.23 -13.71 34.72
CA THR C 170 0.41 -13.78 36.20
C THR C 170 1.20 -12.61 36.77
N VAL C 171 2.38 -12.34 36.18
CA VAL C 171 3.33 -11.41 36.82
C VAL C 171 2.83 -9.98 36.86
N LEU C 172 1.90 -9.68 35.98
CA LEU C 172 1.41 -8.31 35.86
C LEU C 172 0.65 -7.82 37.07
N SER C 173 0.13 -8.72 37.93
CA SER C 173 -0.56 -8.28 39.11
C SER C 173 0.37 -7.51 40.07
N ARG C 174 1.69 -7.67 39.89
CA ARG C 174 2.68 -6.97 40.73
C ARG C 174 3.06 -5.63 40.17
N LEU C 175 2.61 -5.32 38.94
CA LEU C 175 3.00 -4.08 38.31
C LEU C 175 1.95 -3.04 38.56
N THR C 176 1.93 -2.59 39.81
CA THR C 176 0.91 -1.71 40.34
C THR C 176 1.04 -0.24 39.97
N LYS C 177 2.13 0.17 39.33
CA LYS C 177 2.25 1.53 38.87
CA LYS C 177 2.24 1.53 38.87
C LYS C 177 1.89 1.67 37.38
N LEU C 178 1.62 0.57 36.69
CA LEU C 178 1.17 0.68 35.30
C LEU C 178 -0.06 1.55 35.13
N ASP C 179 0.04 2.55 34.28
CA ASP C 179 -1.14 3.24 33.78
C ASP C 179 -1.46 2.95 32.30
N THR C 180 -0.51 2.36 31.58
CA THR C 180 -0.68 2.10 30.13
C THR C 180 -0.11 0.73 29.87
N LEU C 181 -0.96 -0.16 29.34
CA LEU C 181 -0.57 -1.57 29.12
C LEU C 181 -1.20 -2.03 27.86
N SER C 182 -0.38 -2.56 26.96
CA SER C 182 -0.85 -3.23 25.77
C SER C 182 -0.48 -4.68 25.82
N LEU C 183 -1.50 -5.52 25.66
CA LEU C 183 -1.27 -6.89 25.43
C LEU C 183 -2.01 -7.33 24.20
N GLU C 184 -2.24 -6.43 23.26
CA GLU C 184 -2.97 -6.76 22.05
C GLU C 184 -2.27 -7.82 21.21
N ASP C 185 -3.05 -8.62 20.49
CA ASP C 185 -2.51 -9.68 19.63
C ASP C 185 -1.55 -10.61 20.36
N ASN C 186 -2.11 -11.25 21.36
CA ASN C 186 -1.46 -12.30 22.09
C ASN C 186 -2.48 -13.48 22.21
N GLN C 187 -2.30 -14.42 23.16
CA GLN C 187 -3.12 -15.60 23.26
CA GLN C 187 -3.18 -15.58 23.24
C GLN C 187 -3.74 -15.69 24.65
N ILE C 188 -4.14 -14.55 25.20
CA ILE C 188 -4.50 -14.49 26.57
C ILE C 188 -6.01 -14.73 26.71
N SER C 189 -6.38 -15.64 27.59
CA SER C 189 -7.79 -15.78 28.02
C SER C 189 -8.01 -15.37 29.48
N ASP C 190 -7.02 -15.58 30.33
CA ASP C 190 -7.17 -15.30 31.76
C ASP C 190 -6.63 -13.92 32.05
N ILE C 191 -7.54 -12.98 32.33
CA ILE C 191 -7.16 -11.59 32.67
C ILE C 191 -7.37 -11.24 34.17
N VAL C 192 -7.57 -12.26 34.98
CA VAL C 192 -7.66 -12.11 36.45
C VAL C 192 -6.42 -11.41 37.04
N PRO C 193 -5.22 -11.62 36.46
CA PRO C 193 -4.13 -10.84 37.03
C PRO C 193 -4.21 -9.30 36.86
N LEU C 194 -5.11 -8.80 36.00
CA LEU C 194 -5.33 -7.37 35.83
C LEU C 194 -6.33 -6.76 36.80
N ALA C 195 -7.02 -7.62 37.59
CA ALA C 195 -8.25 -7.21 38.28
C ALA C 195 -8.03 -6.09 39.30
N GLY C 196 -6.90 -6.15 39.98
CA GLY C 196 -6.55 -5.20 41.02
C GLY C 196 -5.67 -4.03 40.55
N LEU C 197 -5.36 -3.93 39.27
CA LEU C 197 -4.44 -2.88 38.74
C LEU C 197 -5.25 -1.61 38.49
N THR C 198 -5.81 -1.09 39.58
CA THR C 198 -6.72 0.04 39.51
C THR C 198 -6.11 1.35 38.98
N LYS C 199 -4.79 1.46 38.89
CA LYS C 199 -4.16 2.61 38.22
C LYS C 199 -4.29 2.59 36.68
N LEU C 200 -4.66 1.45 36.08
CA LEU C 200 -4.68 1.37 34.63
C LEU C 200 -5.62 2.43 34.03
N GLN C 201 -5.10 3.15 33.03
CA GLN C 201 -5.84 4.15 32.28
CA GLN C 201 -5.83 4.15 32.27
C GLN C 201 -6.06 3.75 30.84
N ASN C 202 -5.02 3.14 30.20
CA ASN C 202 -5.05 2.81 28.82
C ASN C 202 -4.72 1.33 28.69
N LEU C 203 -5.72 0.55 28.22
CA LEU C 203 -5.57 -0.89 28.22
C LEU C 203 -5.95 -1.47 26.88
N TYR C 204 -4.98 -2.11 26.21
CA TYR C 204 -5.17 -2.58 24.80
C TYR C 204 -5.17 -4.07 24.85
N LEU C 205 -6.35 -4.64 24.69
CA LEU C 205 -6.51 -6.08 24.78
C LEU C 205 -7.18 -6.70 23.55
N SER C 206 -7.21 -5.99 22.43
CA SER C 206 -7.78 -6.59 21.24
C SER C 206 -6.98 -7.84 20.82
N LYS C 207 -7.62 -8.71 20.05
CA LYS C 207 -6.96 -9.84 19.39
C LYS C 207 -6.27 -10.73 20.42
N ASN C 208 -6.98 -11.02 21.51
CA ASN C 208 -6.63 -12.11 22.38
C ASN C 208 -7.69 -13.26 22.32
N HIS C 209 -7.81 -14.04 23.38
CA HIS C 209 -8.77 -15.12 23.50
C HIS C 209 -9.68 -14.85 24.64
N ILE C 210 -10.09 -13.60 24.78
CA ILE C 210 -10.83 -13.20 25.96
C ILE C 210 -12.34 -13.36 25.73
N SER C 211 -13.03 -14.09 26.62
CA SER C 211 -14.49 -14.26 26.51
C SER C 211 -15.24 -13.75 27.75
N ASP C 212 -14.52 -13.35 28.77
CA ASP C 212 -15.08 -13.09 30.10
C ASP C 212 -14.47 -11.77 30.55
N LEU C 213 -15.30 -10.74 30.66
CA LEU C 213 -14.80 -9.43 31.16
C LEU C 213 -14.86 -9.15 32.65
N ARG C 214 -15.32 -10.12 33.44
CA ARG C 214 -15.49 -9.90 34.89
C ARG C 214 -14.26 -9.35 35.59
N ALA C 215 -13.10 -9.73 35.10
CA ALA C 215 -11.83 -9.27 35.69
C ALA C 215 -11.65 -7.74 35.58
N LEU C 216 -12.36 -7.09 34.66
CA LEU C 216 -12.18 -5.66 34.47
C LEU C 216 -13.15 -4.80 35.23
N ALA C 217 -14.08 -5.40 35.95
CA ALA C 217 -15.13 -4.72 36.64
C ALA C 217 -14.69 -3.63 37.56
N GLY C 218 -13.57 -3.78 38.25
CA GLY C 218 -13.18 -2.72 39.16
C GLY C 218 -12.16 -1.67 38.64
N LEU C 219 -11.90 -1.64 37.35
CA LEU C 219 -10.87 -0.73 36.77
C LEU C 219 -11.50 0.63 36.42
N LYS C 220 -11.73 1.39 37.46
CA LYS C 220 -12.49 2.63 37.41
C LYS C 220 -11.78 3.83 36.80
N ASN C 221 -10.47 3.72 36.59
CA ASN C 221 -9.72 4.81 36.00
C ASN C 221 -9.50 4.66 34.49
N LEU C 222 -10.12 3.68 33.86
CA LEU C 222 -9.88 3.39 32.44
C LEU C 222 -10.40 4.59 31.65
N ASP C 223 -9.61 5.00 30.67
CA ASP C 223 -9.93 6.09 29.77
C ASP C 223 -9.94 5.61 28.34
N VAL C 224 -9.07 4.67 28.02
CA VAL C 224 -9.02 4.09 26.67
C VAL C 224 -8.95 2.59 26.81
N LEU C 225 -9.82 1.88 26.07
CA LEU C 225 -9.93 0.43 26.24
C LEU C 225 -10.23 -0.19 24.94
N GLU C 226 -9.52 -1.27 24.61
CA GLU C 226 -9.77 -1.91 23.34
C GLU C 226 -9.96 -3.38 23.60
N LEU C 227 -11.03 -3.95 23.06
CA LEU C 227 -11.40 -5.29 23.38
C LEU C 227 -11.90 -6.10 22.17
N PHE C 228 -11.59 -5.65 20.95
CA PHE C 228 -12.24 -6.26 19.77
C PHE C 228 -11.45 -7.46 19.26
N SER C 229 -12.06 -8.17 18.33
CA SER C 229 -11.44 -9.26 17.58
C SER C 229 -10.88 -10.37 18.45
N GLN C 230 -11.60 -10.76 19.48
CA GLN C 230 -11.18 -11.97 20.23
C GLN C 230 -11.42 -13.24 19.40
N GLU C 231 -10.58 -14.24 19.60
CA GLU C 231 -10.75 -15.57 19.03
C GLU C 231 -10.72 -16.56 20.17
N CYS C 232 -11.87 -17.11 20.50
CA CYS C 232 -12.01 -18.01 21.62
C CYS C 232 -12.26 -19.39 21.08
N LEU C 233 -11.47 -20.35 21.53
CA LEU C 233 -11.51 -21.68 20.97
C LEU C 233 -11.98 -22.62 22.05
N ASN C 234 -13.18 -23.18 21.89
CA ASN C 234 -13.68 -24.17 22.83
C ASN C 234 -12.93 -25.48 22.63
N LYS C 235 -12.83 -26.28 23.71
CA LYS C 235 -12.29 -27.63 23.61
C LYS C 235 -13.26 -28.48 22.78
N PRO C 236 -12.73 -29.35 21.91
CA PRO C 236 -13.62 -30.08 20.98
C PRO C 236 -14.69 -30.89 21.69
N ILE C 237 -15.84 -31.04 21.03
CA ILE C 237 -16.91 -31.91 21.52
C ILE C 237 -17.37 -32.80 20.37
N ASN C 238 -18.09 -33.88 20.71
CA ASN C 238 -18.64 -34.77 19.70
C ASN C 238 -19.66 -34.07 18.82
N HIS C 239 -19.50 -34.24 17.51
CA HIS C 239 -20.53 -33.88 16.55
C HIS C 239 -21.80 -34.61 16.86
N GLN C 240 -22.91 -33.89 16.81
CA GLN C 240 -24.24 -34.48 16.90
C GLN C 240 -25.15 -33.75 15.92
N SER C 241 -26.31 -34.34 15.65
CA SER C 241 -27.31 -33.73 14.79
C SER C 241 -27.90 -32.50 15.46
N ASN C 242 -28.08 -32.59 16.78
CA ASN C 242 -28.58 -31.48 17.55
C ASN C 242 -27.56 -31.05 18.60
N LEU C 243 -26.87 -29.97 18.28
CA LEU C 243 -25.76 -29.50 19.10
C LEU C 243 -26.25 -28.43 20.04
N VAL C 244 -25.82 -28.52 21.30
CA VAL C 244 -26.06 -27.49 22.29
C VAL C 244 -24.72 -27.09 22.93
N VAL C 245 -24.38 -25.80 22.88
CA VAL C 245 -23.13 -25.30 23.44
C VAL C 245 -23.45 -24.12 24.34
N PRO C 246 -23.06 -24.20 25.62
CA PRO C 246 -23.27 -23.06 26.50
C PRO C 246 -22.63 -21.83 25.93
N ASN C 247 -23.31 -20.71 26.07
CA ASN C 247 -22.72 -19.45 25.72
C ASN C 247 -21.84 -19.08 26.94
N THR C 248 -20.57 -18.82 26.67
CA THR C 248 -19.59 -18.57 27.70
C THR C 248 -19.13 -17.12 27.71
N VAL C 249 -19.73 -16.29 26.88
CA VAL C 249 -19.27 -14.94 26.71
C VAL C 249 -19.94 -14.07 27.76
N LYS C 250 -19.11 -13.43 28.57
CA LYS C 250 -19.59 -12.67 29.72
C LYS C 250 -19.14 -11.23 29.80
N ASN C 251 -20.10 -10.39 30.20
CA ASN C 251 -19.85 -8.99 30.39
C ASN C 251 -19.18 -8.70 31.69
N THR C 252 -18.88 -7.42 31.94
CA THR C 252 -18.18 -7.05 33.19
C THR C 252 -19.00 -7.45 34.44
N ASP C 253 -20.34 -7.38 34.35
CA ASP C 253 -21.21 -7.81 35.46
C ASP C 253 -21.53 -9.30 35.46
N GLY C 254 -20.86 -10.08 34.63
CA GLY C 254 -21.11 -11.50 34.60
C GLY C 254 -22.29 -11.95 33.75
N SER C 255 -23.06 -11.01 33.20
CA SER C 255 -24.23 -11.40 32.40
C SER C 255 -23.74 -11.91 31.07
N LEU C 256 -24.54 -12.80 30.46
CA LEU C 256 -24.16 -13.40 29.21
C LEU C 256 -24.36 -12.39 28.09
N VAL C 257 -23.44 -12.37 27.14
CA VAL C 257 -23.58 -11.55 25.96
C VAL C 257 -24.32 -12.32 24.89
N THR C 258 -25.42 -11.78 24.40
CA THR C 258 -26.19 -12.48 23.37
C THR C 258 -25.42 -12.51 22.08
N PRO C 259 -25.30 -13.69 21.45
CA PRO C 259 -24.58 -13.73 20.19
C PRO C 259 -25.18 -12.83 19.13
N GLU C 260 -24.32 -12.26 18.32
CA GLU C 260 -24.75 -11.40 17.22
C GLU C 260 -25.11 -12.21 16.02
N ILE C 261 -24.22 -13.12 15.62
CA ILE C 261 -24.46 -14.00 14.47
CA ILE C 261 -24.43 -13.97 14.45
C ILE C 261 -23.95 -15.40 14.77
N ILE C 262 -24.77 -16.38 14.40
CA ILE C 262 -24.45 -17.77 14.70
C ILE C 262 -24.29 -18.52 13.39
N SER C 263 -23.24 -19.32 13.29
CA SER C 263 -22.98 -20.09 12.06
C SER C 263 -24.07 -21.11 11.79
N ASP C 264 -24.04 -21.62 10.56
CA ASP C 264 -24.85 -22.76 10.15
C ASP C 264 -26.32 -22.65 10.59
N ASP C 265 -26.91 -21.45 10.45
CA ASP C 265 -28.32 -21.17 10.78
CA ASP C 265 -28.34 -21.23 10.76
C ASP C 265 -28.71 -21.56 12.21
N GLY C 266 -27.72 -21.67 13.10
CA GLY C 266 -27.99 -21.94 14.52
C GLY C 266 -28.74 -20.80 15.19
N ASP C 267 -29.24 -21.04 16.40
CA ASP C 267 -29.93 -19.97 17.12
C ASP C 267 -29.62 -20.03 18.62
N TYR C 268 -30.11 -19.04 19.34
CA TYR C 268 -29.81 -18.85 20.75
C TYR C 268 -31.04 -19.08 21.56
N GLU C 269 -30.95 -20.01 22.51
CA GLU C 269 -31.97 -20.17 23.55
C GLU C 269 -31.23 -20.08 24.88
N LYS C 270 -31.26 -18.89 25.45
CA LYS C 270 -30.41 -18.53 26.55
C LYS C 270 -30.51 -19.60 27.62
N PRO C 271 -29.37 -20.13 28.15
CA PRO C 271 -27.96 -19.71 27.98
C PRO C 271 -27.18 -20.47 26.90
N ASN C 272 -27.89 -21.16 26.02
CA ASN C 272 -27.28 -22.06 25.08
C ASN C 272 -27.45 -21.62 23.65
N VAL C 273 -26.44 -21.94 22.85
CA VAL C 273 -26.51 -21.84 21.38
C VAL C 273 -26.79 -23.23 20.84
N LYS C 274 -27.74 -23.33 19.91
CA LYS C 274 -28.16 -24.61 19.38
C LYS C 274 -28.12 -24.63 17.86
N TRP C 275 -27.70 -25.78 17.34
CA TRP C 275 -27.68 -26.03 15.91
C TRP C 275 -28.42 -27.29 15.61
N HIS C 276 -28.93 -27.36 14.38
CA HIS C 276 -29.33 -28.64 13.78
C HIS C 276 -28.33 -28.96 12.68
N LEU C 277 -27.48 -29.97 12.89
CA LEU C 277 -26.44 -30.37 11.93
C LEU C 277 -26.64 -31.78 11.34
N PRO C 278 -27.56 -31.90 10.38
CA PRO C 278 -27.45 -33.10 9.54
C PRO C 278 -26.13 -32.99 8.77
N GLU C 279 -25.44 -34.11 8.57
CA GLU C 279 -24.08 -34.15 8.03
C GLU C 279 -23.04 -33.66 9.05
N PHE C 280 -21.98 -34.45 9.22
CA PHE C 280 -20.84 -34.05 10.02
C PHE C 280 -20.28 -32.72 9.49
N THR C 281 -20.17 -31.75 10.38
CA THR C 281 -19.35 -30.59 10.11
C THR C 281 -18.30 -30.54 11.19
N ASN C 282 -17.09 -30.18 10.81
CA ASN C 282 -15.96 -30.23 11.73
C ASN C 282 -15.98 -29.09 12.75
N GLU C 283 -16.84 -28.09 12.54
CA GLU C 283 -16.80 -26.90 13.40
C GLU C 283 -18.04 -26.01 13.24
N VAL C 284 -18.51 -25.44 14.35
CA VAL C 284 -19.49 -24.36 14.35
C VAL C 284 -18.94 -23.16 15.16
N SER C 285 -19.54 -21.99 14.96
CA SER C 285 -19.05 -20.76 15.60
C SER C 285 -20.13 -19.72 15.80
N PHE C 286 -19.81 -18.69 16.57
CA PHE C 286 -20.67 -17.51 16.67
C PHE C 286 -19.88 -16.31 16.97
N ILE C 287 -20.42 -15.17 16.55
CA ILE C 287 -19.73 -13.87 16.73
C ILE C 287 -20.53 -13.09 17.73
N PHE C 288 -19.81 -12.35 18.55
CA PHE C 288 -20.41 -11.39 19.47
C PHE C 288 -19.87 -10.01 19.27
N TYR C 289 -20.73 -9.03 19.61
CA TYR C 289 -20.41 -7.64 19.47
C TYR C 289 -21.23 -6.92 20.51
N GLN C 290 -20.56 -6.33 21.49
CA GLN C 290 -21.22 -5.68 22.61
C GLN C 290 -20.45 -4.41 23.00
N PRO C 291 -21.01 -3.22 22.73
CA PRO C 291 -20.45 -2.03 23.34
C PRO C 291 -20.46 -2.11 24.88
N VAL C 292 -19.35 -1.76 25.49
CA VAL C 292 -19.24 -1.79 26.96
C VAL C 292 -18.65 -0.45 27.44
N THR C 293 -18.92 -0.09 28.68
CA THR C 293 -18.33 1.09 29.29
C THR C 293 -17.76 0.70 30.62
N ILE C 294 -16.49 1.05 30.87
CA ILE C 294 -15.80 0.81 32.15
C ILE C 294 -15.11 2.10 32.52
N GLY C 295 -15.56 2.70 33.61
CA GLY C 295 -15.20 4.08 33.94
C GLY C 295 -15.59 5.02 32.85
N LYS C 296 -14.64 5.82 32.37
CA LYS C 296 -14.88 6.73 31.25
C LYS C 296 -14.60 6.08 29.91
N ALA C 297 -14.10 4.85 29.91
CA ALA C 297 -13.70 4.17 28.69
C ALA C 297 -14.86 3.45 27.99
N LYS C 298 -15.08 3.75 26.71
CA LYS C 298 -16.06 3.04 25.90
C LYS C 298 -15.34 2.08 24.93
N ALA C 299 -15.78 0.83 24.84
CA ALA C 299 -15.06 -0.11 23.95
C ALA C 299 -16.10 -0.99 23.32
N ARG C 300 -15.70 -1.68 22.27
CA ARG C 300 -16.52 -2.70 21.64
C ARG C 300 -15.91 -4.03 21.93
N PHE C 301 -16.61 -4.81 22.76
CA PHE C 301 -16.19 -6.16 23.06
C PHE C 301 -16.74 -7.05 21.96
N HIS C 302 -15.85 -7.72 21.25
CA HIS C 302 -16.21 -8.35 20.00
C HIS C 302 -15.26 -9.49 19.73
N GLY C 303 -15.79 -10.53 19.11
CA GLY C 303 -14.96 -11.67 18.74
C GLY C 303 -15.80 -12.83 18.28
N ARG C 304 -15.15 -13.99 18.18
CA ARG C 304 -15.80 -15.22 17.70
C ARG C 304 -15.45 -16.36 18.65
N VAL C 305 -16.45 -17.15 18.99
CA VAL C 305 -16.27 -18.40 19.71
C VAL C 305 -16.38 -19.53 18.72
N THR C 306 -15.34 -20.36 18.64
CA THR C 306 -15.30 -21.48 17.69
C THR C 306 -15.38 -22.79 18.46
N GLN C 307 -16.26 -23.67 17.98
CA GLN C 307 -16.47 -25.00 18.55
C GLN C 307 -16.01 -26.04 17.55
N PRO C 308 -14.86 -26.67 17.79
CA PRO C 308 -14.48 -27.81 16.97
C PRO C 308 -15.38 -29.00 17.31
N LEU C 309 -15.62 -29.85 16.33
CA LEU C 309 -16.49 -31.03 16.52
C LEU C 309 -15.75 -32.29 16.09
N LYS C 310 -15.80 -33.34 16.92
CA LYS C 310 -15.14 -34.62 16.62
C LYS C 310 -16.18 -35.70 16.54
S SO4 D . -23.06 6.71 -61.54
O1 SO4 D . -21.67 7.14 -61.25
O2 SO4 D . -24.02 7.40 -60.64
O3 SO4 D . -23.09 5.24 -61.39
O4 SO4 D . -23.44 7.10 -62.93
S SO4 E . -17.57 15.55 -54.19
O1 SO4 E . -16.29 14.96 -53.75
O2 SO4 E . -18.52 15.42 -53.05
O3 SO4 E . -18.06 14.86 -55.40
O4 SO4 E . -17.37 16.98 -54.47
S SO4 F . -28.27 16.40 -42.05
O1 SO4 F . -28.74 15.42 -43.07
O2 SO4 F . -27.18 15.89 -41.16
O3 SO4 F . -29.45 16.74 -41.23
O4 SO4 F . -27.71 17.58 -42.73
S SO4 G . -46.50 11.68 -50.94
O1 SO4 G . -46.74 13.09 -50.50
O2 SO4 G . -47.52 10.80 -50.36
O3 SO4 G . -45.16 11.26 -50.46
O4 SO4 G . -46.53 11.61 -52.41
S SO4 H . -3.47 10.09 -29.51
O1 SO4 H . -3.64 8.71 -30.00
O2 SO4 H . -2.87 10.00 -28.15
O3 SO4 H . -4.76 10.82 -29.43
O4 SO4 H . -2.58 10.83 -30.43
S SO4 I . -32.04 8.50 -23.73
O1 SO4 I . -31.40 7.57 -24.67
O2 SO4 I . -32.45 7.85 -22.45
O3 SO4 I . -33.25 8.98 -24.42
O4 SO4 I . -31.09 9.59 -23.47
C1 GOL J . -25.53 -6.30 -16.71
O1 GOL J . -24.21 -6.86 -16.59
C2 GOL J . -26.31 -6.34 -15.39
O2 GOL J . -25.82 -7.33 -14.49
C3 GOL J . -27.77 -6.71 -15.57
O3 GOL J . -28.63 -5.55 -15.61
C1 GOL K . -37.51 5.19 -40.43
O1 GOL K . -36.82 4.44 -41.45
C2 GOL K . -38.37 4.27 -39.55
O2 GOL K . -37.71 3.02 -39.37
C3 GOL K . -38.60 4.85 -38.15
O3 GOL K . -37.86 4.09 -37.18
C1 GOL L . -10.22 -10.42 12.43
O1 GOL L . -9.24 -9.43 12.04
C2 GOL L . -11.58 -9.77 12.69
O2 GOL L . -12.04 -10.12 14.02
C3 GOL L . -12.64 -10.21 11.65
O3 GOL L . -13.11 -11.56 11.88
C1 GOL M . -33.68 12.28 -34.70
O1 GOL M . -32.52 12.11 -33.86
C2 GOL M . -33.32 12.99 -36.01
O2 GOL M . -31.91 12.96 -36.25
C3 GOL M . -34.00 12.32 -37.20
O3 GOL M . -33.64 13.04 -38.38
C1 GOL N . -39.27 27.11 -63.72
O1 GOL N . -38.59 27.38 -64.96
C2 GOL N . -40.19 25.89 -63.87
O2 GOL N . -40.60 25.73 -65.23
C3 GOL N . -41.44 26.04 -63.05
O3 GOL N . -42.25 27.01 -63.70
S SO4 O . -30.47 -8.64 -49.05
O1 SO4 O . -29.24 -9.41 -49.29
O2 SO4 O . -30.23 -7.32 -48.41
O3 SO4 O . -31.30 -9.47 -48.15
O4 SO4 O . -31.13 -8.35 -50.36
S SO4 P . -36.56 9.15 -12.98
O1 SO4 P . -35.71 8.17 -12.29
O2 SO4 P . -36.70 10.36 -12.13
O3 SO4 P . -37.90 8.59 -13.27
O4 SO4 P . -35.93 9.52 -14.27
S SO4 Q . -40.32 5.67 -58.09
O1 SO4 Q . -39.26 5.08 -57.25
O2 SO4 Q . -41.33 6.30 -57.18
O3 SO4 Q . -40.88 4.59 -58.95
O4 SO4 Q . -39.66 6.67 -58.96
C1 GOL R . 12.64 6.76 15.44
O1 GOL R . 13.68 7.71 15.18
C2 GOL R . 12.57 6.36 16.91
O2 GOL R . 11.81 7.31 17.64
C3 GOL R . 11.73 5.14 17.19
O3 GOL R . 12.30 3.91 16.77
S SO4 S . 16.99 14.16 -13.69
O1 SO4 S . 18.42 13.93 -13.35
O2 SO4 S . 16.40 15.24 -12.87
O3 SO4 S . 16.19 12.95 -13.41
O4 SO4 S . 16.86 14.45 -15.13
S SO4 T . 11.68 -7.71 5.17
O1 SO4 T . 13.11 -7.42 5.01
O2 SO4 T . 11.13 -7.23 6.48
O3 SO4 T . 11.56 -9.18 5.14
O4 SO4 T . 11.00 -7.05 4.03
C1 GOL U . 19.44 5.84 -16.57
O1 GOL U . 20.48 6.41 -17.37
C2 GOL U . 18.38 6.86 -16.20
O2 GOL U . 18.10 7.68 -17.33
C3 GOL U . 17.09 6.19 -15.69
O3 GOL U . 16.20 5.90 -16.79
C1 GOL V . 20.49 -15.13 -1.99
O1 GOL V . 21.68 -15.38 -2.78
C2 GOL V . 19.85 -13.78 -2.36
O2 GOL V . 20.50 -13.24 -3.49
C3 GOL V . 18.36 -13.84 -2.69
O3 GOL V . 17.63 -12.93 -1.87
C1 GOL W . 27.79 -14.98 3.48
O1 GOL W . 29.11 -14.79 2.98
C2 GOL W . 27.81 -15.28 4.93
O2 GOL W . 26.49 -14.90 5.42
C3 GOL W . 28.18 -16.76 5.08
O3 GOL W . 29.45 -17.03 4.45
S SO4 X . 42.33 -5.75 5.57
O1 SO4 X . 43.29 -6.85 5.37
O2 SO4 X . 42.04 -5.62 7.03
O3 SO4 X . 41.08 -6.04 4.82
O4 SO4 X . 42.92 -4.48 5.09
S SO4 Y . 44.77 -10.46 -14.60
O1 SO4 Y . 44.99 -11.27 -15.82
O2 SO4 Y . 43.44 -10.80 -14.06
O3 SO4 Y . 44.94 -9.02 -14.90
O4 SO4 Y . 45.74 -10.79 -13.53
S SO4 Z . 0.57 -8.44 12.47
O1 SO4 Z . 2.04 -8.68 12.67
O2 SO4 Z . 0.34 -7.05 12.94
O3 SO4 Z . -0.27 -9.36 13.24
O4 SO4 Z . 0.19 -8.59 11.04
S SO4 AA . 23.22 -12.99 -10.98
O1 SO4 AA . 24.37 -13.48 -10.13
O2 SO4 AA . 22.40 -11.96 -10.30
O3 SO4 AA . 22.32 -14.13 -11.27
O4 SO4 AA . 23.70 -12.46 -12.28
S SO4 BA . 34.18 -29.14 -0.38
O1 SO4 BA . 34.54 -30.54 -0.13
O2 SO4 BA . 33.23 -28.66 0.64
O3 SO4 BA . 33.56 -29.01 -1.72
O4 SO4 BA . 35.40 -28.29 -0.30
S SO4 CA . 6.76 -10.54 14.74
O1 SO4 CA . 7.87 -9.87 14.01
O2 SO4 CA . 7.36 -11.22 15.92
O3 SO4 CA . 6.01 -11.49 13.94
O4 SO4 CA . 5.80 -9.51 15.19
C1 GOL DA . -2.98 -17.17 17.75
O1 GOL DA . -2.61 -15.77 17.78
C2 GOL DA . -4.50 -17.41 17.96
O2 GOL DA . -5.11 -16.31 18.63
C3 GOL DA . -5.27 -17.60 16.66
O3 GOL DA . -6.69 -17.62 16.91
C1 GOL EA . -30.06 -35.93 20.94
O1 GOL EA . -30.67 -37.14 21.42
C2 GOL EA . -29.45 -36.18 19.56
O2 GOL EA . -30.48 -36.38 18.58
C3 GOL EA . -28.62 -34.98 19.11
O3 GOL EA . -28.63 -34.92 17.67
S SO4 FA . -20.44 2.37 20.23
O1 SO4 FA . -19.71 1.15 19.82
O2 SO4 FA . -19.91 2.79 21.55
O3 SO4 FA . -21.88 2.10 20.33
O4 SO4 FA . -20.21 3.48 19.25
S SO4 GA . -17.51 -18.82 37.62
O1 SO4 GA . -17.64 -20.25 37.24
O2 SO4 GA . -17.13 -18.69 39.04
O3 SO4 GA . -18.81 -18.13 37.39
O4 SO4 GA . -16.45 -18.23 36.77
S SO4 HA . -27.79 -13.20 32.41
O1 SO4 HA . -26.74 -13.94 31.68
O2 SO4 HA . -27.25 -12.54 33.62
O3 SO4 HA . -28.84 -14.14 32.84
O4 SO4 HA . -28.37 -12.18 31.48
S SO4 IA . 7.91 -7.09 43.86
O1 SO4 IA . 8.57 -8.04 44.78
O2 SO4 IA . 7.04 -6.16 44.61
O3 SO4 IA . 7.11 -7.82 42.86
O4 SO4 IA . 8.99 -6.35 43.16
S SO4 JA . -15.10 5.26 43.43
O1 SO4 JA . -15.34 4.71 42.08
O2 SO4 JA . -14.07 4.44 44.16
O3 SO4 JA . -16.37 5.30 44.17
O4 SO4 JA . -14.57 6.64 43.29
#